data_2MWS
#
_entry.id   2MWS
#
loop_
_entity.id
_entity.type
_entity.pdbx_description
1 polymer Ubiquitin
2 polymer 'DNA damage-inducible protein 1'
#
loop_
_entity_poly.entity_id
_entity_poly.type
_entity_poly.pdbx_seq_one_letter_code
_entity_poly.pdbx_strand_id
1 'polypeptide(L)' MQIFVKTLTGK(3X9)ITLEVEPSDTIENVKAKIQDKEGIPPDQQRLIFAGKQLEDGRTLSDYNIQKESTLHLVLRLRGG A
2 'polypeptide(L)'
;MRGSHHHHHHGSDLTISNELTGEIYGPIEVSEDMALTDLIALLQADCGFDKTKHDLYYNMDILDSNRTQSLKELGLKTDD
LLLIRGKISNSKLN
;
B
#
# COMPACT_ATOMS: atom_id res chain seq x y z
N MET A 1 15.77 14.11 -10.31
CA MET A 1 14.33 13.94 -10.64
C MET A 1 13.52 13.83 -9.36
N GLN A 2 12.22 14.08 -9.45
CA GLN A 2 11.35 14.00 -8.29
C GLN A 2 10.41 12.80 -8.39
N ILE A 3 10.15 12.15 -7.26
CA ILE A 3 9.24 11.01 -7.23
C ILE A 3 8.15 11.24 -6.19
N PHE A 4 7.06 10.49 -6.29
CA PHE A 4 5.95 10.64 -5.35
C PHE A 4 5.74 9.37 -4.56
N VAL A 5 5.84 9.48 -3.25
CA VAL A 5 5.64 8.35 -2.37
C VAL A 5 4.37 8.55 -1.55
N LYS A 6 3.44 7.61 -1.70
CA LYS A 6 2.18 7.67 -0.99
C LYS A 6 2.15 6.64 0.13
N THR A 7 1.96 7.11 1.35
CA THR A 7 1.91 6.23 2.51
C THR A 7 0.49 5.71 2.76
N LEU A 8 0.38 4.67 3.59
CA LEU A 8 -0.92 4.08 3.92
C LEU A 8 -1.82 5.06 4.66
N THR A 9 -1.21 6.08 5.22
CA THR A 9 -1.95 7.09 5.97
C THR A 9 -2.58 8.12 5.02
N GLY A 10 -2.24 8.02 3.75
CA GLY A 10 -2.78 8.95 2.76
C GLY A 10 -1.98 10.23 2.67
N LYS A 11 -0.66 10.09 2.61
CA LYS A 11 0.23 11.24 2.51
C LYS A 11 1.07 11.17 1.24
N ILE A 13 4.31 12.29 -0.41
CA ILE A 13 5.61 12.89 -0.16
C ILE A 13 6.46 12.88 -1.42
N THR A 14 7.07 14.01 -1.72
CA THR A 14 7.93 14.13 -2.89
C THR A 14 9.38 14.04 -2.46
N LEU A 15 10.13 13.16 -3.10
CA LEU A 15 11.53 12.98 -2.77
C LEU A 15 12.41 13.26 -3.97
N GLU A 16 13.55 13.91 -3.75
CA GLU A 16 14.48 14.20 -4.82
C GLU A 16 15.48 13.07 -4.94
N VAL A 17 15.42 12.38 -6.06
CA VAL A 17 16.30 11.25 -6.30
C VAL A 17 16.88 11.32 -7.70
N GLU A 18 17.83 10.45 -7.98
CA GLU A 18 18.47 10.38 -9.28
C GLU A 18 18.31 8.99 -9.85
N PRO A 19 18.39 8.83 -11.18
CA PRO A 19 18.25 7.51 -11.82
C PRO A 19 19.26 6.49 -11.29
N SER A 20 20.39 6.98 -10.78
CA SER A 20 21.43 6.13 -10.25
C SER A 20 21.32 5.94 -8.74
N ASP A 21 20.25 6.50 -8.15
CA ASP A 21 20.04 6.41 -6.71
C ASP A 21 19.64 4.99 -6.32
N THR A 22 20.06 4.57 -5.15
CA THR A 22 19.75 3.24 -4.66
C THR A 22 18.47 3.25 -3.82
N ILE A 23 17.76 2.13 -3.83
CA ILE A 23 16.52 2.01 -3.06
C ILE A 23 16.78 2.29 -1.58
N GLU A 24 17.87 1.73 -1.06
CA GLU A 24 18.24 1.92 0.33
C GLU A 24 18.47 3.41 0.63
N ASN A 25 19.03 4.12 -0.34
CA ASN A 25 19.29 5.55 -0.17
C ASN A 25 17.96 6.30 -0.09
N VAL A 26 17.00 5.87 -0.89
CA VAL A 26 15.68 6.47 -0.88
C VAL A 26 15.01 6.26 0.48
N LYS A 27 15.19 5.06 1.02
CA LYS A 27 14.64 4.71 2.33
C LYS A 27 15.24 5.62 3.41
N ALA A 28 16.51 5.97 3.23
CA ALA A 28 17.19 6.84 4.17
C ALA A 28 16.56 8.23 4.17
N LYS A 29 16.18 8.69 2.98
CA LYS A 29 15.54 9.99 2.83
C LYS A 29 14.17 9.97 3.50
N ILE A 30 13.47 8.85 3.39
CA ILE A 30 12.16 8.70 4.01
C ILE A 30 12.32 8.69 5.53
N GLN A 31 13.34 7.97 5.98
CA GLN A 31 13.64 7.86 7.41
C GLN A 31 14.00 9.23 7.99
N ASP A 32 14.74 10.01 7.22
CA ASP A 32 15.19 11.33 7.65
C ASP A 32 14.01 12.31 7.79
N LYS A 33 12.94 12.08 7.03
CA LYS A 33 11.80 12.98 7.05
C LYS A 33 10.65 12.46 7.93
N GLU A 34 10.29 11.19 7.75
CA GLU A 34 9.20 10.59 8.53
C GLU A 34 9.70 10.06 9.87
N GLY A 35 10.91 9.55 9.90
CA GLY A 35 11.46 9.01 11.14
C GLY A 35 11.27 7.51 11.26
N ILE A 36 10.60 6.92 10.28
CA ILE A 36 10.33 5.50 10.28
C ILE A 36 11.58 4.72 9.88
N PRO A 37 12.02 3.77 10.73
CA PRO A 37 13.20 2.94 10.46
C PRO A 37 13.14 2.22 9.11
N PRO A 38 14.27 2.17 8.38
CA PRO A 38 14.35 1.54 7.05
C PRO A 38 13.93 0.07 7.06
N ASP A 39 14.12 -0.61 8.19
CA ASP A 39 13.75 -2.02 8.30
C ASP A 39 12.25 -2.22 8.21
N GLN A 40 11.49 -1.23 8.65
CA GLN A 40 10.03 -1.31 8.63
C GLN A 40 9.47 -0.72 7.35
N GLN A 41 10.36 -0.25 6.48
CA GLN A 41 9.97 0.37 5.23
C GLN A 41 9.95 -0.61 4.07
N ARG A 42 8.76 -0.84 3.51
CA ARG A 42 8.62 -1.72 2.37
C ARG A 42 8.12 -0.90 1.19
N LEU A 43 8.99 -0.69 0.21
CA LEU A 43 8.63 0.12 -0.97
C LEU A 43 8.18 -0.76 -2.13
N ILE A 44 7.06 -0.37 -2.73
CA ILE A 44 6.51 -1.09 -3.86
C ILE A 44 6.16 -0.13 -4.99
N PHE A 45 6.62 -0.45 -6.19
CA PHE A 45 6.38 0.37 -7.37
C PHE A 45 5.67 -0.44 -8.45
N ALA A 46 4.46 -0.01 -8.82
CA ALA A 46 3.66 -0.67 -9.84
C ALA A 46 3.39 -2.14 -9.50
N GLY A 47 3.33 -2.44 -8.21
CA GLY A 47 3.08 -3.80 -7.78
C GLY A 47 4.35 -4.60 -7.60
N LYS A 48 5.47 -4.03 -8.03
CA LYS A 48 6.75 -4.70 -7.92
C LYS A 48 7.49 -4.21 -6.67
N GLN A 49 8.01 -5.14 -5.89
CA GLN A 49 8.72 -4.81 -4.67
C GLN A 49 10.14 -4.38 -4.98
N LEU A 50 10.64 -3.40 -4.24
CA LEU A 50 11.99 -2.88 -4.46
C LEU A 50 12.94 -3.37 -3.38
N GLU A 51 14.08 -3.91 -3.80
CA GLU A 51 15.09 -4.39 -2.87
C GLU A 51 16.04 -3.26 -2.49
N ASP A 52 16.46 -3.24 -1.24
CA ASP A 52 17.40 -2.22 -0.74
C ASP A 52 18.67 -2.20 -1.61
N GLY A 53 19.12 -3.38 -1.99
CA GLY A 53 20.32 -3.50 -2.80
C GLY A 53 20.06 -3.38 -4.30
N ARG A 54 19.23 -2.41 -4.68
CA ARG A 54 18.90 -2.17 -6.08
C ARG A 54 18.80 -0.67 -6.32
N THR A 55 18.79 -0.27 -7.58
CA THR A 55 18.70 1.14 -7.93
C THR A 55 17.36 1.46 -8.56
N LEU A 56 17.08 2.74 -8.75
CA LEU A 56 15.83 3.18 -9.34
C LEU A 56 15.73 2.76 -10.80
N SER A 57 16.84 2.84 -11.51
CA SER A 57 16.89 2.47 -12.93
C SER A 57 16.64 0.98 -13.11
N ASP A 58 16.86 0.22 -12.04
CA ASP A 58 16.67 -1.23 -12.06
C ASP A 58 15.21 -1.59 -12.24
N TYR A 59 14.35 -0.77 -11.66
CA TYR A 59 12.91 -1.01 -11.73
C TYR A 59 12.25 -0.08 -12.73
N ASN A 60 13.08 0.64 -13.49
CA ASN A 60 12.62 1.57 -14.51
C ASN A 60 11.88 2.75 -13.89
N ILE A 61 12.25 3.10 -12.68
CA ILE A 61 11.62 4.21 -11.99
C ILE A 61 12.08 5.53 -12.60
N GLN A 62 11.14 6.25 -13.19
CA GLN A 62 11.45 7.52 -13.83
C GLN A 62 10.92 8.68 -12.98
N LYS A 63 10.88 9.86 -13.55
CA LYS A 63 10.40 11.04 -12.85
C LYS A 63 8.89 10.97 -12.65
N GLU A 64 8.44 11.50 -11.52
CA GLU A 64 7.02 11.53 -11.16
C GLU A 64 6.45 10.12 -11.00
N SER A 65 7.29 9.19 -10.57
CA SER A 65 6.86 7.82 -10.32
C SER A 65 6.13 7.72 -8.99
N THR A 66 5.02 7.01 -8.98
CA THR A 66 4.24 6.85 -7.76
C THR A 66 4.61 5.55 -7.04
N LEU A 67 5.22 5.70 -5.87
CA LEU A 67 5.64 4.56 -5.07
C LEU A 67 4.73 4.42 -3.85
N HIS A 68 4.58 3.19 -3.37
CA HIS A 68 3.76 2.94 -2.21
C HIS A 68 4.64 2.47 -1.06
N LEU A 69 4.51 3.12 0.08
CA LEU A 69 5.31 2.76 1.25
C LEU A 69 4.48 2.02 2.27
N VAL A 70 4.75 0.72 2.38
CA VAL A 70 4.06 -0.13 3.33
C VAL A 70 4.92 -0.30 4.59
N LEU A 71 4.29 -0.21 5.75
CA LEU A 71 5.01 -0.35 7.00
C LEU A 71 4.73 -1.71 7.63
N ARG A 72 5.77 -2.50 7.82
CA ARG A 72 5.62 -3.82 8.41
C ARG A 72 5.41 -3.70 9.92
N LEU A 73 4.16 -3.55 10.30
CA LEU A 73 3.80 -3.42 11.70
C LEU A 73 3.77 -4.79 12.36
N ARG A 74 4.41 -4.89 13.52
CA ARG A 74 4.47 -6.16 14.24
C ARG A 74 3.16 -6.44 14.97
N GLY A 75 2.46 -5.38 15.32
CA GLY A 75 1.19 -5.52 16.00
C GLY A 75 0.05 -5.02 15.14
N GLY A 76 -1.17 -5.39 15.51
CA GLY A 76 -2.32 -4.95 14.74
C GLY A 76 -3.60 -5.07 15.53
N ASP B 13 -6.31 4.44 -6.67
CA ASP B 13 -4.95 3.91 -6.41
C ASP B 13 -5.02 2.85 -5.31
N LEU B 14 -5.83 1.84 -5.54
CA LEU B 14 -6.03 0.77 -4.58
C LEU B 14 -4.73 0.07 -4.24
N THR B 15 -4.29 0.27 -3.01
CA THR B 15 -3.07 -0.33 -2.52
C THR B 15 -3.39 -1.49 -1.58
N ILE B 16 -3.50 -2.68 -2.15
CA ILE B 16 -3.78 -3.86 -1.35
C ILE B 16 -2.47 -4.48 -0.88
N SER B 17 -2.31 -4.55 0.43
CA SER B 17 -1.10 -5.11 1.01
C SER B 17 -1.45 -6.21 2.00
N ASN B 18 -1.20 -7.45 1.60
CA ASN B 18 -1.46 -8.59 2.45
C ASN B 18 -0.18 -8.91 3.22
N GLU B 19 0.01 -8.23 4.34
CA GLU B 19 1.20 -8.41 5.17
C GLU B 19 1.15 -9.71 5.96
N LEU B 20 0.10 -10.50 5.77
CA LEU B 20 0.00 -11.78 6.45
C LEU B 20 0.81 -12.81 5.69
N THR B 21 0.87 -12.65 4.37
CA THR B 21 1.64 -13.53 3.52
C THR B 21 2.78 -12.78 2.85
N GLY B 22 2.80 -11.46 3.04
CA GLY B 22 3.83 -10.63 2.45
C GLY B 22 3.63 -10.45 0.96
N GLU B 23 2.38 -10.46 0.53
CA GLU B 23 2.04 -10.32 -0.87
C GLU B 23 1.45 -8.94 -1.17
N ILE B 24 2.10 -8.20 -2.04
CA ILE B 24 1.63 -6.88 -2.41
C ILE B 24 1.03 -6.96 -3.81
N TYR B 25 -0.09 -6.29 -4.00
CA TYR B 25 -0.79 -6.33 -5.28
C TYR B 25 -0.60 -5.03 -6.04
N GLY B 26 -1.04 -5.02 -7.30
CA GLY B 26 -0.91 -3.85 -8.13
C GLY B 26 -1.97 -2.81 -7.82
N PRO B 27 -1.75 -1.55 -8.24
CA PRO B 27 -2.71 -0.46 -8.00
C PRO B 27 -3.93 -0.58 -8.90
N ILE B 28 -5.08 -0.85 -8.30
CA ILE B 28 -6.31 -1.00 -9.05
C ILE B 28 -7.06 0.34 -9.10
N GLU B 29 -7.71 0.61 -10.21
CA GLU B 29 -8.46 1.85 -10.37
C GLU B 29 -9.88 1.66 -9.87
N VAL B 30 -10.27 2.47 -8.90
CA VAL B 30 -11.61 2.38 -8.32
C VAL B 30 -12.45 3.58 -8.72
N SER B 31 -13.76 3.43 -8.58
CA SER B 31 -14.70 4.48 -8.93
C SER B 31 -15.75 4.61 -7.83
N GLU B 32 -16.40 5.77 -7.77
CA GLU B 32 -17.42 6.02 -6.77
C GLU B 32 -18.69 5.23 -7.08
N ASP B 33 -18.91 4.96 -8.36
CA ASP B 33 -20.09 4.22 -8.81
C ASP B 33 -19.85 2.72 -8.66
N MET B 34 -18.64 2.35 -8.27
CA MET B 34 -18.30 0.95 -8.08
C MET B 34 -18.83 0.45 -6.75
N ALA B 35 -19.56 -0.67 -6.79
CA ALA B 35 -20.14 -1.25 -5.59
C ALA B 35 -19.06 -1.74 -4.64
N LEU B 36 -19.34 -1.64 -3.36
CA LEU B 36 -18.41 -2.09 -2.33
C LEU B 36 -18.21 -3.59 -2.44
N THR B 37 -19.32 -4.30 -2.62
CA THR B 37 -19.29 -5.76 -2.73
C THR B 37 -18.50 -6.22 -3.95
N ASP B 38 -18.51 -5.40 -5.00
CA ASP B 38 -17.76 -5.74 -6.22
C ASP B 38 -16.26 -5.73 -5.91
N LEU B 39 -15.85 -4.71 -5.16
CA LEU B 39 -14.45 -4.58 -4.77
C LEU B 39 -14.10 -5.71 -3.80
N ILE B 40 -15.02 -5.99 -2.88
CA ILE B 40 -14.83 -7.06 -1.90
C ILE B 40 -14.70 -8.40 -2.60
N ALA B 41 -15.44 -8.57 -3.70
CA ALA B 41 -15.39 -9.80 -4.49
C ALA B 41 -13.98 -10.00 -5.03
N LEU B 42 -13.43 -8.94 -5.64
CA LEU B 42 -12.08 -9.00 -6.19
C LEU B 42 -11.07 -9.27 -5.09
N LEU B 43 -11.33 -8.67 -3.94
CA LEU B 43 -10.48 -8.82 -2.76
C LEU B 43 -10.48 -10.26 -2.27
N GLN B 44 -11.66 -10.88 -2.25
CA GLN B 44 -11.79 -12.26 -1.78
C GLN B 44 -11.27 -13.25 -2.82
N ALA B 45 -11.20 -12.82 -4.07
CA ALA B 45 -10.73 -13.69 -5.14
C ALA B 45 -9.22 -13.57 -5.37
N ASP B 46 -8.78 -12.39 -5.76
CA ASP B 46 -7.37 -12.13 -6.05
C ASP B 46 -6.53 -12.13 -4.78
N CYS B 47 -6.87 -11.26 -3.84
CA CYS B 47 -6.12 -11.14 -2.59
C CYS B 47 -6.32 -12.36 -1.69
N GLY B 48 -7.53 -12.90 -1.69
CA GLY B 48 -7.83 -14.04 -0.86
C GLY B 48 -8.49 -13.64 0.44
N PHE B 49 -9.10 -12.46 0.44
CA PHE B 49 -9.80 -11.93 1.59
C PHE B 49 -11.01 -12.80 1.91
N ASP B 50 -11.49 -12.74 3.14
CA ASP B 50 -12.64 -13.52 3.55
C ASP B 50 -13.43 -12.71 4.57
N LYS B 51 -14.74 -12.70 4.45
CA LYS B 51 -15.58 -11.95 5.37
C LYS B 51 -15.97 -12.77 6.60
N THR B 52 -15.42 -13.97 6.69
CA THR B 52 -15.72 -14.85 7.83
C THR B 52 -14.46 -15.13 8.65
N LYS B 53 -13.35 -15.44 7.99
CA LYS B 53 -12.11 -15.75 8.68
C LYS B 53 -10.99 -14.77 8.31
N HIS B 54 -11.33 -13.50 8.23
CA HIS B 54 -10.34 -12.47 7.90
C HIS B 54 -10.86 -11.11 8.35
N ASP B 55 -9.94 -10.21 8.67
CA ASP B 55 -10.30 -8.88 9.12
C ASP B 55 -9.79 -7.84 8.14
N LEU B 56 -10.68 -6.97 7.67
CA LEU B 56 -10.34 -5.95 6.71
C LEU B 56 -9.99 -4.63 7.40
N TYR B 57 -8.76 -4.17 7.22
CA TYR B 57 -8.31 -2.92 7.81
C TYR B 57 -8.38 -1.80 6.78
N TYR B 58 -9.31 -0.89 6.98
CA TYR B 58 -9.51 0.22 6.08
C TYR B 58 -8.80 1.46 6.62
N ASN B 59 -7.65 1.78 6.03
CA ASN B 59 -6.84 2.93 6.44
C ASN B 59 -6.25 2.73 7.83
N MET B 60 -7.08 2.94 8.86
CA MET B 60 -6.63 2.79 10.25
C MET B 60 -7.77 2.25 11.11
N ASP B 61 -8.79 1.67 10.49
CA ASP B 61 -9.92 1.12 11.21
C ASP B 61 -10.34 -0.22 10.60
N ILE B 62 -11.24 -0.93 11.26
CA ILE B 62 -11.70 -2.23 10.79
C ILE B 62 -13.06 -2.11 10.13
N LEU B 63 -13.27 -2.86 9.05
CA LEU B 63 -14.53 -2.85 8.33
C LEU B 63 -15.58 -3.64 9.11
N ASP B 64 -16.29 -2.93 9.98
CA ASP B 64 -17.32 -3.54 10.81
C ASP B 64 -18.67 -3.56 10.08
N SER B 65 -19.60 -4.38 10.56
CA SER B 65 -20.93 -4.51 9.96
C SER B 65 -21.68 -3.17 10.01
N ASN B 66 -21.30 -2.31 10.95
CA ASN B 66 -21.93 -1.00 11.08
C ASN B 66 -21.58 -0.14 9.86
N ARG B 67 -20.43 -0.43 9.26
CA ARG B 67 -19.96 0.32 8.10
C ARG B 67 -20.49 -0.32 6.82
N THR B 68 -21.79 -0.22 6.62
CA THR B 68 -22.43 -0.77 5.44
C THR B 68 -22.44 0.27 4.30
N GLN B 69 -21.80 1.40 4.56
CA GLN B 69 -21.72 2.48 3.60
C GLN B 69 -20.88 2.07 2.39
N SER B 70 -21.24 2.57 1.23
CA SER B 70 -20.50 2.24 0.01
C SER B 70 -19.20 3.05 -0.07
N LEU B 71 -18.41 2.78 -1.11
CA LEU B 71 -17.11 3.45 -1.29
C LEU B 71 -17.23 4.98 -1.33
N LYS B 72 -18.21 5.47 -2.07
CA LYS B 72 -18.42 6.93 -2.20
C LYS B 72 -18.94 7.55 -0.90
N GLU B 73 -19.19 6.72 0.09
CA GLU B 73 -19.69 7.18 1.38
C GLU B 73 -18.64 7.01 2.47
N LEU B 74 -17.84 5.95 2.35
CA LEU B 74 -16.78 5.68 3.32
C LEU B 74 -15.73 6.78 3.27
N GLY B 75 -15.58 7.37 2.10
CA GLY B 75 -14.62 8.45 1.93
C GLY B 75 -13.45 8.06 1.06
N LEU B 76 -13.73 7.44 -0.08
CA LEU B 76 -12.68 7.05 -1.00
C LEU B 76 -12.18 8.28 -1.75
N LYS B 77 -10.89 8.31 -2.01
CA LYS B 77 -10.27 9.44 -2.67
C LYS B 77 -9.21 8.98 -3.65
N THR B 78 -8.25 9.85 -3.94
CA THR B 78 -7.16 9.55 -4.85
C THR B 78 -6.28 8.43 -4.32
N ASP B 79 -6.27 8.27 -3.00
CA ASP B 79 -5.46 7.25 -2.36
C ASP B 79 -6.35 6.32 -1.54
N ASP B 80 -6.57 5.13 -2.06
CA ASP B 80 -7.37 4.12 -1.40
C ASP B 80 -6.52 2.90 -1.11
N LEU B 81 -6.43 2.52 0.16
CA LEU B 81 -5.63 1.38 0.55
C LEU B 81 -6.40 0.44 1.46
N LEU B 82 -6.21 -0.86 1.24
CA LEU B 82 -6.88 -1.88 2.02
C LEU B 82 -5.85 -2.86 2.57
N LEU B 83 -5.83 -3.02 3.88
CA LEU B 83 -4.89 -3.92 4.54
C LEU B 83 -5.60 -5.19 5.01
N ILE B 84 -5.04 -6.32 4.67
CA ILE B 84 -5.59 -7.61 5.05
C ILE B 84 -4.88 -8.17 6.28
N ARG B 85 -5.62 -8.33 7.36
CA ARG B 85 -5.05 -8.86 8.60
C ARG B 85 -6.05 -9.78 9.28
N GLY B 86 -5.82 -10.07 10.56
CA GLY B 86 -6.70 -10.93 11.30
C GLY B 86 -6.21 -12.36 11.36
N LYS B 87 -6.99 -13.27 10.79
CA LYS B 87 -6.65 -14.69 10.74
C LYS B 87 -6.70 -15.33 12.13
N ILE B 88 -5.54 -15.48 12.77
CA ILE B 88 -5.47 -16.08 14.08
C ILE B 88 -4.86 -15.12 15.10
N SER B 89 -3.53 -15.03 15.10
CA SER B 89 -2.83 -14.16 16.04
C SER B 89 -2.85 -12.71 15.56
N ASN B 90 -4.01 -12.07 15.72
CA ASN B 90 -4.22 -10.69 15.33
C ASN B 90 -5.64 -10.28 15.70
N SER B 91 -6.60 -11.14 15.40
CA SER B 91 -8.00 -10.88 15.69
C SER B 91 -8.22 -10.79 17.20
N MET A 1 14.48 16.37 -7.71
CA MET A 1 13.01 16.36 -7.83
C MET A 1 12.37 15.90 -6.52
N GLN A 2 11.11 16.26 -6.32
CA GLN A 2 10.39 15.89 -5.10
C GLN A 2 9.39 14.78 -5.38
N ILE A 3 9.31 13.82 -4.46
CA ILE A 3 8.38 12.71 -4.58
C ILE A 3 7.57 12.58 -3.30
N PHE A 4 6.49 11.82 -3.36
CA PHE A 4 5.63 11.61 -2.20
C PHE A 4 5.52 10.14 -1.84
N VAL A 5 5.99 9.80 -0.65
CA VAL A 5 5.94 8.42 -0.18
C VAL A 5 4.72 8.21 0.72
N LYS A 6 3.87 7.26 0.35
CA LYS A 6 2.66 6.98 1.11
C LYS A 6 2.85 5.77 2.01
N THR A 7 2.64 5.96 3.31
CA THR A 7 2.77 4.87 4.26
C THR A 7 1.42 4.16 4.41
N LEU A 8 1.42 3.01 5.07
CA LEU A 8 0.20 2.23 5.27
C LEU A 8 -0.76 2.94 6.22
N THR A 9 -0.24 3.94 6.92
CA THR A 9 -1.04 4.71 7.86
C THR A 9 -1.68 5.92 7.18
N GLY A 10 -1.35 6.11 5.90
CA GLY A 10 -1.91 7.22 5.16
C GLY A 10 -1.01 8.45 5.20
N LYS A 11 0.11 8.31 5.91
CA LYS A 11 1.05 9.41 6.05
C LYS A 11 1.84 9.59 4.74
N ILE A 13 5.16 11.20 3.10
CA ILE A 13 6.48 11.76 3.35
C ILE A 13 7.07 12.35 2.08
N THR A 14 7.41 13.63 2.14
CA THR A 14 8.02 14.30 1.01
C THR A 14 9.53 14.05 1.03
N LEU A 15 10.08 13.61 -0.09
CA LEU A 15 11.51 13.33 -0.16
C LEU A 15 12.13 13.93 -1.42
N GLU A 16 13.33 14.48 -1.25
CA GLU A 16 14.07 15.05 -2.35
C GLU A 16 14.97 13.98 -2.95
N VAL A 17 14.71 13.63 -4.19
CA VAL A 17 15.48 12.60 -4.85
C VAL A 17 15.88 13.05 -6.25
N GLU A 18 16.87 12.39 -6.83
CA GLU A 18 17.33 12.71 -8.17
C GLU A 18 17.11 11.50 -9.08
N PRO A 19 17.02 11.72 -10.41
CA PRO A 19 16.81 10.62 -11.36
C PRO A 19 17.88 9.54 -11.26
N SER A 20 19.09 9.96 -10.91
CA SER A 20 20.21 9.04 -10.77
C SER A 20 20.33 8.52 -9.34
N ASP A 21 19.24 8.61 -8.59
CA ASP A 21 19.23 8.13 -7.20
C ASP A 21 18.77 6.69 -7.15
N THR A 22 19.55 5.84 -6.49
CA THR A 22 19.20 4.43 -6.38
C THR A 22 18.06 4.24 -5.39
N ILE A 23 17.28 3.17 -5.58
CA ILE A 23 16.15 2.86 -4.71
C ILE A 23 16.63 2.69 -3.27
N GLU A 24 17.80 2.08 -3.11
CA GLU A 24 18.40 1.86 -1.80
C GLU A 24 18.64 3.19 -1.09
N ASN A 25 18.93 4.23 -1.88
CA ASN A 25 19.19 5.56 -1.34
C ASN A 25 17.90 6.16 -0.80
N VAL A 26 16.81 5.95 -1.54
CA VAL A 26 15.50 6.46 -1.14
C VAL A 26 15.09 5.86 0.19
N LYS A 27 15.27 4.55 0.31
CA LYS A 27 14.93 3.83 1.53
C LYS A 27 15.77 4.32 2.70
N ALA A 28 17.00 4.71 2.42
CA ALA A 28 17.89 5.24 3.44
C ALA A 28 17.36 6.56 3.97
N LYS A 29 16.80 7.36 3.06
CA LYS A 29 16.22 8.64 3.42
C LYS A 29 14.96 8.44 4.25
N ILE A 30 14.21 7.38 3.94
CA ILE A 30 12.99 7.05 4.66
C ILE A 30 13.36 6.54 6.05
N GLN A 31 14.45 5.78 6.11
CA GLN A 31 14.95 5.21 7.36
C GLN A 31 15.38 6.31 8.32
N ASP A 32 15.88 7.40 7.77
CA ASP A 32 16.33 8.54 8.58
C ASP A 32 15.14 9.30 9.16
N LYS A 33 14.03 9.29 8.45
CA LYS A 33 12.83 10.00 8.88
C LYS A 33 11.93 9.12 9.75
N GLU A 34 11.54 7.97 9.21
CA GLU A 34 10.65 7.05 9.92
C GLU A 34 11.40 6.20 10.94
N GLY A 35 12.61 5.80 10.61
CA GLY A 35 13.38 4.96 11.52
C GLY A 35 13.19 3.49 11.22
N ILE A 36 12.39 3.19 10.21
CA ILE A 36 12.12 1.81 9.84
C ILE A 36 13.28 1.24 9.03
N PRO A 37 13.83 0.08 9.46
CA PRO A 37 14.95 -0.57 8.76
C PRO A 37 14.67 -0.74 7.26
N PRO A 38 15.66 -0.47 6.41
CA PRO A 38 15.52 -0.56 4.94
C PRO A 38 15.17 -1.98 4.49
N ASP A 39 15.44 -2.95 5.35
CA ASP A 39 15.17 -4.35 5.05
C ASP A 39 13.67 -4.61 5.01
N GLN A 40 12.93 -3.93 5.89
CA GLN A 40 11.48 -4.10 5.97
C GLN A 40 10.75 -3.07 5.13
N GLN A 41 11.50 -2.34 4.31
CA GLN A 41 10.93 -1.30 3.46
C GLN A 41 10.64 -1.83 2.06
N ARG A 42 9.37 -2.02 1.76
CA ARG A 42 8.95 -2.51 0.46
C ARG A 42 8.31 -1.37 -0.34
N LEU A 43 8.99 -0.94 -1.38
CA LEU A 43 8.49 0.16 -2.20
C LEU A 43 7.83 -0.37 -3.48
N ILE A 44 6.58 0.02 -3.68
CA ILE A 44 5.83 -0.37 -4.85
C ILE A 44 5.32 0.88 -5.58
N PHE A 45 5.51 0.93 -6.89
CA PHE A 45 5.09 2.08 -7.66
C PHE A 45 4.27 1.64 -8.87
N ALA A 46 2.95 1.85 -8.79
CA ALA A 46 2.04 1.49 -9.88
C ALA A 46 2.12 0.00 -10.21
N GLY A 47 2.24 -0.82 -9.17
CA GLY A 47 2.32 -2.25 -9.36
C GLY A 47 3.75 -2.74 -9.52
N LYS A 48 4.62 -1.86 -9.97
CA LYS A 48 6.02 -2.21 -10.18
C LYS A 48 6.74 -2.41 -8.86
N GLN A 49 7.47 -3.50 -8.76
CA GLN A 49 8.24 -3.82 -7.56
C GLN A 49 9.61 -3.15 -7.64
N LEU A 50 9.87 -2.24 -6.71
CA LEU A 50 11.13 -1.53 -6.69
C LEU A 50 12.21 -2.35 -6.00
N GLU A 51 13.32 -2.53 -6.70
CA GLU A 51 14.44 -3.29 -6.18
C GLU A 51 15.56 -2.33 -5.78
N ASP A 52 16.30 -2.70 -4.74
CA ASP A 52 17.39 -1.87 -4.22
C ASP A 52 18.42 -1.54 -5.28
N GLY A 53 18.70 -2.51 -6.14
CA GLY A 53 19.69 -2.31 -7.19
C GLY A 53 19.11 -1.71 -8.45
N ARG A 54 18.25 -0.71 -8.28
CA ARG A 54 17.62 -0.04 -9.41
C ARG A 54 17.54 1.46 -9.15
N THR A 55 17.33 2.23 -10.19
CA THR A 55 17.23 3.68 -10.05
C THR A 55 15.78 4.14 -10.22
N LEU A 56 15.53 5.42 -9.99
CA LEU A 56 14.19 5.97 -10.11
C LEU A 56 13.74 6.04 -11.57
N SER A 57 14.67 6.37 -12.45
CA SER A 57 14.36 6.46 -13.87
C SER A 57 14.09 5.08 -14.46
N ASP A 58 14.50 4.04 -13.75
CA ASP A 58 14.31 2.66 -14.17
C ASP A 58 12.83 2.34 -14.27
N TYR A 59 12.05 2.91 -13.36
CA TYR A 59 10.60 2.68 -13.35
C TYR A 59 9.86 3.88 -13.90
N ASN A 60 10.62 4.85 -14.42
CA ASN A 60 10.09 6.09 -15.00
C ASN A 60 9.44 6.96 -13.94
N ILE A 61 10.04 6.98 -12.76
CA ILE A 61 9.55 7.80 -11.66
C ILE A 61 9.92 9.26 -11.88
N GLN A 62 8.91 10.11 -11.97
CA GLN A 62 9.11 11.53 -12.19
C GLN A 62 8.80 12.33 -10.93
N LYS A 63 8.71 13.65 -11.06
CA LYS A 63 8.40 14.51 -9.92
C LYS A 63 6.93 14.41 -9.53
N GLU A 64 6.67 14.59 -8.24
CA GLU A 64 5.32 14.55 -7.67
C GLU A 64 4.73 13.14 -7.73
N SER A 65 5.56 12.15 -7.98
CA SER A 65 5.10 10.77 -8.04
C SER A 65 4.84 10.23 -6.64
N THR A 66 3.77 9.47 -6.50
CA THR A 66 3.42 8.89 -5.22
C THR A 66 3.79 7.40 -5.18
N LEU A 67 4.65 7.05 -4.24
CA LEU A 67 5.10 5.67 -4.09
C LEU A 67 4.39 5.00 -2.92
N HIS A 68 4.20 3.69 -3.03
CA HIS A 68 3.55 2.91 -1.98
C HIS A 68 4.60 2.29 -1.08
N LEU A 69 4.62 2.69 0.18
CA LEU A 69 5.58 2.16 1.14
C LEU A 69 4.91 1.12 2.02
N VAL A 70 5.20 -0.14 1.75
CA VAL A 70 4.64 -1.23 2.51
C VAL A 70 5.70 -1.80 3.46
N LEU A 71 5.25 -2.25 4.61
CA LEU A 71 6.15 -2.82 5.61
C LEU A 71 6.11 -4.34 5.54
N ARG A 72 6.75 -4.99 6.52
CA ARG A 72 6.78 -6.45 6.57
C ARG A 72 7.22 -6.90 7.96
N LEU A 73 6.27 -7.40 8.74
CA LEU A 73 6.53 -7.90 10.08
C LEU A 73 7.39 -9.17 10.01
N ARG A 74 8.42 -9.22 10.84
CA ARG A 74 9.31 -10.37 10.88
C ARG A 74 9.57 -10.81 12.32
N GLY A 75 8.77 -10.28 13.23
CA GLY A 75 8.93 -10.61 14.64
C GLY A 75 8.23 -11.90 15.03
N GLY A 76 8.98 -12.80 15.62
CA GLY A 76 8.43 -14.08 16.04
C GLY A 76 9.49 -14.91 16.74
N ASP B 13 -3.49 1.16 -8.65
CA ASP B 13 -2.62 0.28 -7.84
C ASP B 13 -3.21 0.10 -6.45
N LEU B 14 -3.92 -0.99 -6.25
CA LEU B 14 -4.51 -1.27 -4.94
C LEU B 14 -3.66 -2.28 -4.21
N THR B 15 -2.71 -1.78 -3.43
CA THR B 15 -1.82 -2.62 -2.66
C THR B 15 -2.46 -3.04 -1.34
N ILE B 16 -2.68 -4.33 -1.19
CA ILE B 16 -3.28 -4.89 0.01
C ILE B 16 -2.17 -5.31 0.98
N SER B 17 -2.23 -4.83 2.21
CA SER B 17 -1.22 -5.15 3.19
C SER B 17 -1.81 -5.94 4.37
N ASN B 18 -1.24 -7.11 4.62
CA ASN B 18 -1.68 -7.96 5.72
C ASN B 18 -0.52 -8.14 6.70
N GLU B 19 -0.32 -7.13 7.54
CA GLU B 19 0.76 -7.14 8.52
C GLU B 19 0.45 -8.01 9.73
N LEU B 20 -0.73 -8.60 9.77
CA LEU B 20 -1.10 -9.47 10.90
C LEU B 20 -0.25 -10.74 10.88
N THR B 21 -0.02 -11.26 9.68
CA THR B 21 0.80 -12.45 9.52
C THR B 21 2.11 -12.10 8.83
N GLY B 22 2.20 -10.85 8.37
CA GLY B 22 3.40 -10.38 7.69
C GLY B 22 3.45 -10.91 6.27
N GLU B 23 2.35 -10.78 5.55
CA GLU B 23 2.26 -11.26 4.18
C GLU B 23 1.67 -10.18 3.28
N ILE B 24 2.43 -9.78 2.27
CA ILE B 24 1.97 -8.77 1.33
C ILE B 24 1.47 -9.44 0.06
N TYR B 25 0.33 -8.98 -0.46
CA TYR B 25 -0.25 -9.57 -1.65
C TYR B 25 -0.05 -8.65 -2.85
N GLY B 26 -0.02 -9.25 -4.02
CA GLY B 26 0.19 -8.51 -5.25
C GLY B 26 -0.87 -7.46 -5.52
N PRO B 27 -0.46 -6.27 -5.98
CA PRO B 27 -1.38 -5.17 -6.28
C PRO B 27 -2.45 -5.58 -7.28
N ILE B 28 -3.69 -5.21 -7.01
CA ILE B 28 -4.80 -5.55 -7.88
C ILE B 28 -5.30 -4.31 -8.63
N GLU B 29 -5.65 -4.51 -9.89
CA GLU B 29 -6.16 -3.42 -10.70
C GLU B 29 -7.67 -3.32 -10.55
N VAL B 30 -8.13 -2.24 -9.95
CA VAL B 30 -9.55 -2.04 -9.74
C VAL B 30 -10.12 -1.04 -10.73
N SER B 31 -11.44 -1.02 -10.85
CA SER B 31 -12.11 -0.11 -11.76
C SER B 31 -13.32 0.52 -11.07
N GLU B 32 -13.77 1.65 -11.59
CA GLU B 32 -14.92 2.35 -11.04
C GLU B 32 -16.20 1.60 -11.38
N ASP B 33 -16.12 0.77 -12.42
CA ASP B 33 -17.26 -0.02 -12.88
C ASP B 33 -17.27 -1.37 -12.17
N MET B 34 -16.22 -1.62 -11.40
CA MET B 34 -16.09 -2.88 -10.68
C MET B 34 -16.93 -2.88 -9.42
N ALA B 35 -17.73 -3.91 -9.24
CA ALA B 35 -18.58 -4.03 -8.07
C ALA B 35 -17.76 -4.21 -6.81
N LEU B 36 -18.11 -3.47 -5.77
CA LEU B 36 -17.41 -3.53 -4.49
C LEU B 36 -17.46 -4.94 -3.90
N THR B 37 -18.53 -5.66 -4.20
CA THR B 37 -18.70 -7.01 -3.72
C THR B 37 -17.68 -7.95 -4.34
N ASP B 38 -17.33 -7.71 -5.60
CA ASP B 38 -16.34 -8.52 -6.30
C ASP B 38 -14.97 -8.34 -5.66
N LEU B 39 -14.70 -7.10 -5.26
CA LEU B 39 -13.45 -6.77 -4.59
C LEU B 39 -13.36 -7.50 -3.27
N ILE B 40 -14.47 -7.52 -2.54
CA ILE B 40 -14.53 -8.20 -1.25
C ILE B 40 -14.34 -9.71 -1.45
N ALA B 41 -14.95 -10.24 -2.51
CA ALA B 41 -14.84 -11.66 -2.83
C ALA B 41 -13.38 -12.04 -3.04
N LEU B 42 -12.68 -11.26 -3.88
CA LEU B 42 -11.28 -11.49 -4.16
C LEU B 42 -10.46 -11.36 -2.89
N LEU B 43 -10.78 -10.34 -2.10
CA LEU B 43 -10.09 -10.07 -0.85
C LEU B 43 -10.20 -11.25 0.11
N GLN B 44 -11.37 -11.86 0.16
CA GLN B 44 -11.60 -13.00 1.04
C GLN B 44 -10.92 -14.26 0.54
N ALA B 45 -10.88 -14.44 -0.78
CA ALA B 45 -10.28 -15.62 -1.38
C ALA B 45 -8.77 -15.53 -1.52
N ASP B 46 -8.25 -14.33 -1.72
CA ASP B 46 -6.81 -14.15 -1.90
C ASP B 46 -6.13 -13.75 -0.61
N CYS B 47 -6.53 -12.61 -0.05
CA CYS B 47 -5.93 -12.11 1.18
C CYS B 47 -6.44 -12.86 2.41
N GLY B 48 -7.51 -13.62 2.24
CA GLY B 48 -8.05 -14.37 3.35
C GLY B 48 -8.91 -13.52 4.26
N PHE B 49 -9.45 -12.44 3.71
CA PHE B 49 -10.30 -11.52 4.46
C PHE B 49 -11.60 -12.22 4.86
N ASP B 50 -12.26 -11.68 5.87
CA ASP B 50 -13.50 -12.24 6.38
C ASP B 50 -14.36 -11.12 6.98
N LYS B 51 -15.67 -11.22 6.85
CA LYS B 51 -16.56 -10.19 7.37
C LYS B 51 -17.26 -10.64 8.65
N THR B 52 -16.58 -11.48 9.43
CA THR B 52 -17.14 -11.97 10.67
C THR B 52 -16.25 -11.62 11.86
N LYS B 53 -14.94 -11.74 11.68
CA LYS B 53 -13.98 -11.45 12.75
C LYS B 53 -12.78 -10.69 12.20
N HIS B 54 -12.99 -9.88 11.17
CA HIS B 54 -11.91 -9.10 10.58
C HIS B 54 -12.40 -7.67 10.31
N ASP B 55 -11.49 -6.72 10.41
CA ASP B 55 -11.81 -5.31 10.16
C ASP B 55 -11.10 -4.82 8.91
N LEU B 56 -11.86 -4.25 7.99
CA LEU B 56 -11.28 -3.75 6.75
C LEU B 56 -10.97 -2.26 6.87
N TYR B 57 -9.70 -1.92 6.70
CA TYR B 57 -9.26 -0.54 6.79
C TYR B 57 -8.96 0.01 5.40
N TYR B 58 -9.77 0.96 4.95
CA TYR B 58 -9.58 1.56 3.64
C TYR B 58 -9.02 2.98 3.82
N ASN B 59 -7.88 3.23 3.19
CA ASN B 59 -7.19 4.53 3.26
C ASN B 59 -6.78 4.85 4.70
N MET B 60 -7.71 5.39 5.47
CA MET B 60 -7.46 5.73 6.86
C MET B 60 -8.77 5.61 7.65
N ASP B 61 -9.73 4.90 7.07
CA ASP B 61 -11.04 4.72 7.68
C ASP B 61 -11.38 3.24 7.77
N ILE B 62 -12.54 2.93 8.32
CA ILE B 62 -12.96 1.55 8.49
C ILE B 62 -14.21 1.27 7.65
N LEU B 63 -14.24 0.10 7.01
CA LEU B 63 -15.39 -0.29 6.19
C LEU B 63 -16.57 -0.64 7.08
N ASP B 64 -17.44 0.32 7.29
CA ASP B 64 -18.63 0.14 8.13
C ASP B 64 -19.78 -0.45 7.30
N SER B 65 -20.75 -1.05 7.97
CA SER B 65 -21.90 -1.64 7.29
C SER B 65 -22.68 -0.58 6.51
N ASN B 66 -22.64 0.65 6.99
CA ASN B 66 -23.35 1.75 6.35
C ASN B 66 -22.63 2.15 5.05
N ARG B 67 -21.38 1.73 4.91
CA ARG B 67 -20.60 2.04 3.73
C ARG B 67 -20.92 1.08 2.60
N THR B 68 -22.09 1.23 2.02
CA THR B 68 -22.51 0.39 0.91
C THR B 68 -22.16 1.07 -0.41
N GLN B 69 -21.30 2.08 -0.31
CA GLN B 69 -20.85 2.83 -1.48
C GLN B 69 -19.83 2.01 -2.29
N SER B 70 -19.83 2.20 -3.59
CA SER B 70 -18.90 1.46 -4.45
C SER B 70 -17.54 2.13 -4.43
N LEU B 71 -16.58 1.50 -5.11
CA LEU B 71 -15.21 2.00 -5.17
C LEU B 71 -15.15 3.44 -5.68
N LYS B 72 -15.97 3.75 -6.68
CA LYS B 72 -15.99 5.09 -7.27
C LYS B 72 -16.62 6.13 -6.33
N GLU B 73 -17.22 5.67 -5.25
CA GLU B 73 -17.86 6.56 -4.29
C GLU B 73 -17.00 6.71 -3.03
N LEU B 74 -16.36 5.61 -2.64
CA LEU B 74 -15.49 5.60 -1.46
C LEU B 74 -14.36 6.61 -1.59
N GLY B 75 -13.97 6.92 -2.82
CA GLY B 75 -12.91 7.88 -3.04
C GLY B 75 -11.56 7.22 -3.24
N LEU B 76 -11.58 5.92 -3.53
CA LEU B 76 -10.35 5.17 -3.74
C LEU B 76 -9.63 5.64 -4.98
N LYS B 77 -8.45 6.22 -4.79
CA LYS B 77 -7.67 6.71 -5.92
C LYS B 77 -6.68 5.66 -6.40
N THR B 78 -5.97 5.98 -7.48
CA THR B 78 -5.00 5.07 -8.07
C THR B 78 -3.80 4.84 -7.15
N ASP B 79 -3.60 5.76 -6.21
CA ASP B 79 -2.50 5.67 -5.26
C ASP B 79 -3.00 5.31 -3.87
N ASP B 80 -4.21 4.76 -3.78
CA ASP B 80 -4.78 4.37 -2.50
C ASP B 80 -4.26 3.00 -2.06
N LEU B 81 -4.70 2.54 -0.89
CA LEU B 81 -4.27 1.25 -0.37
C LEU B 81 -5.37 0.56 0.44
N LEU B 82 -5.10 -0.66 0.88
CA LEU B 82 -6.05 -1.43 1.67
C LEU B 82 -5.33 -2.21 2.76
N LEU B 83 -5.76 -2.05 4.00
CA LEU B 83 -5.14 -2.73 5.12
C LEU B 83 -6.09 -3.73 5.78
N ILE B 84 -5.55 -4.91 6.09
CA ILE B 84 -6.33 -5.95 6.73
C ILE B 84 -5.90 -6.11 8.20
N ARG B 85 -6.79 -5.76 9.12
CA ARG B 85 -6.48 -5.85 10.55
C ARG B 85 -7.66 -6.43 11.31
N GLY B 86 -7.57 -6.43 12.63
CA GLY B 86 -8.63 -6.97 13.45
C GLY B 86 -8.22 -8.27 14.11
N LYS B 87 -9.10 -9.27 14.03
CA LYS B 87 -8.86 -10.60 14.60
C LYS B 87 -8.97 -10.60 16.12
N ILE B 88 -7.82 -10.59 16.81
CA ILE B 88 -7.81 -10.64 18.26
C ILE B 88 -7.26 -9.36 18.87
N SER B 89 -5.95 -9.25 18.93
CA SER B 89 -5.31 -8.09 19.52
C SER B 89 -5.05 -7.02 18.46
N ASN B 90 -6.03 -6.14 18.29
CA ASN B 90 -5.93 -5.05 17.31
C ASN B 90 -7.05 -4.05 17.51
N SER B 91 -8.27 -4.49 17.24
CA SER B 91 -9.44 -3.64 17.38
C SER B 91 -9.99 -3.68 18.80
N MET A 1 15.83 13.31 -10.71
CA MET A 1 14.38 13.33 -10.99
C MET A 1 13.59 13.40 -9.68
N GLN A 2 12.32 13.79 -9.77
CA GLN A 2 11.48 13.91 -8.61
C GLN A 2 10.46 12.78 -8.55
N ILE A 3 10.34 12.17 -7.38
CA ILE A 3 9.38 11.10 -7.18
C ILE A 3 8.43 11.47 -6.06
N PHE A 4 7.28 10.81 -6.00
CA PHE A 4 6.29 11.10 -4.98
C PHE A 4 5.99 9.86 -4.15
N VAL A 5 6.46 9.85 -2.91
CA VAL A 5 6.23 8.73 -2.02
C VAL A 5 4.99 8.99 -1.17
N LYS A 6 4.04 8.08 -1.21
CA LYS A 6 2.81 8.22 -0.44
C LYS A 6 2.75 7.21 0.68
N THR A 7 2.55 7.71 1.90
CA THR A 7 2.45 6.87 3.07
C THR A 7 1.01 6.48 3.36
N LEU A 8 0.82 5.60 4.34
CA LEU A 8 -0.51 5.14 4.74
C LEU A 8 -1.36 6.30 5.26
N THR A 9 -0.71 7.31 5.81
CA THR A 9 -1.39 8.48 6.34
C THR A 9 -1.89 9.38 5.23
N GLY A 10 -1.49 9.08 3.99
CA GLY A 10 -1.90 9.88 2.86
C GLY A 10 -1.04 11.10 2.65
N LYS A 11 0.23 11.00 3.04
CA LYS A 11 1.17 12.09 2.89
C LYS A 11 1.96 11.94 1.60
N ILE A 13 5.18 12.80 -0.13
CA ILE A 13 6.53 13.28 0.10
C ILE A 13 7.33 13.28 -1.20
N THR A 14 7.67 14.47 -1.68
CA THR A 14 8.45 14.61 -2.90
C THR A 14 9.93 14.42 -2.58
N LEU A 15 10.58 13.54 -3.30
CA LEU A 15 12.00 13.27 -3.09
C LEU A 15 12.79 13.37 -4.39
N GLU A 16 14.01 13.87 -4.29
CA GLU A 16 14.88 14.01 -5.44
C GLU A 16 15.83 12.82 -5.50
N VAL A 17 15.60 11.94 -6.45
CA VAL A 17 16.43 10.76 -6.64
C VAL A 17 16.83 10.65 -8.09
N GLU A 18 17.73 9.73 -8.37
CA GLU A 18 18.20 9.53 -9.73
C GLU A 18 18.07 8.06 -10.10
N PRO A 19 17.98 7.73 -11.41
CA PRO A 19 17.87 6.35 -11.87
C PRO A 19 19.01 5.47 -11.35
N SER A 20 20.13 6.09 -11.03
CA SER A 20 21.31 5.39 -10.52
C SER A 20 21.27 5.23 -8.99
N ASP A 21 20.17 5.66 -8.37
CA ASP A 21 20.02 5.56 -6.92
C ASP A 21 19.40 4.21 -6.55
N THR A 22 19.89 3.61 -5.48
CA THR A 22 19.40 2.32 -5.04
C THR A 22 18.18 2.47 -4.14
N ILE A 23 17.36 1.43 -4.09
CA ILE A 23 16.16 1.42 -3.25
C ILE A 23 16.53 1.64 -1.79
N GLU A 24 17.60 0.98 -1.35
CA GLU A 24 18.06 1.10 0.03
C GLU A 24 18.37 2.56 0.36
N ASN A 25 18.95 3.25 -0.60
CA ASN A 25 19.29 4.67 -0.44
C ASN A 25 18.02 5.49 -0.29
N VAL A 26 16.99 5.12 -1.04
CA VAL A 26 15.72 5.80 -0.97
C VAL A 26 15.07 5.57 0.39
N LYS A 27 15.22 4.35 0.90
CA LYS A 27 14.67 3.99 2.20
C LYS A 27 15.30 4.86 3.29
N ALA A 28 16.60 5.11 3.14
CA ALA A 28 17.34 5.93 4.08
C ALA A 28 16.92 7.39 3.95
N LYS A 29 16.67 7.83 2.71
CA LYS A 29 16.24 9.21 2.48
C LYS A 29 14.91 9.49 3.16
N ILE A 30 14.02 8.50 3.12
CA ILE A 30 12.73 8.63 3.77
C ILE A 30 12.92 8.61 5.29
N GLN A 31 13.86 7.78 5.75
CA GLN A 31 14.17 7.68 7.16
C GLN A 31 14.70 9.00 7.71
N ASP A 32 15.42 9.71 6.85
CA ASP A 32 15.99 10.99 7.22
C ASP A 32 14.90 12.02 7.50
N LYS A 33 13.91 12.10 6.62
CA LYS A 33 12.83 13.07 6.77
C LYS A 33 11.71 12.58 7.69
N GLU A 34 11.11 11.45 7.35
CA GLU A 34 10.01 10.90 8.13
C GLU A 34 10.48 10.34 9.48
N GLY A 35 11.67 9.75 9.47
CA GLY A 35 12.21 9.19 10.70
C GLY A 35 11.68 7.79 10.96
N ILE A 36 11.64 6.98 9.92
CA ILE A 36 11.17 5.60 10.03
C ILE A 36 12.25 4.63 9.58
N PRO A 37 12.57 3.62 10.41
CA PRO A 37 13.61 2.63 10.08
C PRO A 37 13.33 1.93 8.75
N PRO A 38 14.38 1.71 7.93
CA PRO A 38 14.24 1.06 6.62
C PRO A 38 13.67 -0.35 6.72
N ASP A 39 13.83 -0.97 7.87
CA ASP A 39 13.33 -2.33 8.09
C ASP A 39 11.82 -2.34 8.27
N GLN A 40 11.26 -1.20 8.65
CA GLN A 40 9.83 -1.08 8.86
C GLN A 40 9.17 -0.43 7.65
N GLN A 41 9.95 -0.30 6.58
CA GLN A 41 9.47 0.33 5.36
C GLN A 41 9.37 -0.67 4.22
N ARG A 42 8.20 -0.73 3.60
CA ARG A 42 7.97 -1.62 2.47
C ARG A 42 7.52 -0.80 1.26
N LEU A 43 8.44 -0.56 0.33
CA LEU A 43 8.15 0.23 -0.86
C LEU A 43 7.59 -0.63 -1.97
N ILE A 44 6.47 -0.19 -2.53
CA ILE A 44 5.80 -0.90 -3.62
C ILE A 44 5.42 0.07 -4.74
N PHE A 45 5.72 -0.31 -5.97
CA PHE A 45 5.43 0.51 -7.13
C PHE A 45 4.68 -0.30 -8.19
N ALA A 46 3.43 0.07 -8.43
CA ALA A 46 2.58 -0.60 -9.42
C ALA A 46 2.46 -2.09 -9.15
N GLY A 47 2.16 -2.43 -7.90
CA GLY A 47 2.01 -3.82 -7.53
C GLY A 47 3.32 -4.60 -7.50
N LYS A 48 4.44 -3.89 -7.51
CA LYS A 48 5.75 -4.53 -7.47
C LYS A 48 6.56 -4.05 -6.27
N GLN A 49 6.96 -4.98 -5.41
CA GLN A 49 7.75 -4.65 -4.23
C GLN A 49 9.19 -4.33 -4.63
N LEU A 50 9.73 -3.27 -4.05
CA LEU A 50 11.10 -2.86 -4.36
C LEU A 50 12.08 -3.44 -3.34
N GLU A 51 13.09 -4.13 -3.82
CA GLU A 51 14.10 -4.72 -2.95
C GLU A 51 15.18 -3.70 -2.67
N ASP A 52 15.63 -3.64 -1.41
CA ASP A 52 16.66 -2.69 -0.98
C ASP A 52 17.91 -2.74 -1.86
N GLY A 53 18.32 -3.95 -2.24
CA GLY A 53 19.52 -4.09 -3.05
C GLY A 53 19.27 -3.97 -4.55
N ARG A 54 18.35 -3.09 -4.94
CA ARG A 54 18.04 -2.89 -6.35
C ARG A 54 18.08 -1.41 -6.68
N THR A 55 18.08 -1.08 -7.96
CA THR A 55 18.11 0.30 -8.40
C THR A 55 16.74 0.74 -8.92
N LEU A 56 16.51 2.05 -8.96
CA LEU A 56 15.24 2.59 -9.45
C LEU A 56 15.05 2.24 -10.93
N SER A 57 16.17 2.15 -11.64
CA SER A 57 16.14 1.85 -13.07
C SER A 57 15.74 0.39 -13.31
N ASP A 58 15.89 -0.45 -12.28
CA ASP A 58 15.55 -1.86 -12.39
C ASP A 58 14.04 -2.05 -12.48
N TYR A 59 13.31 -1.10 -11.90
CA TYR A 59 11.85 -1.17 -11.91
C TYR A 59 11.27 -0.17 -12.91
N ASN A 60 12.14 0.43 -13.72
CA ASN A 60 11.74 1.39 -14.74
C ASN A 60 11.08 2.62 -14.14
N ILE A 61 11.55 3.01 -12.97
CA ILE A 61 11.00 4.18 -12.29
C ILE A 61 11.51 5.46 -12.95
N GLN A 62 10.58 6.29 -13.38
CA GLN A 62 10.92 7.55 -14.04
C GLN A 62 10.52 8.73 -13.15
N LYS A 63 10.38 9.90 -13.76
CA LYS A 63 10.01 11.10 -13.02
C LYS A 63 8.51 11.09 -12.72
N GLU A 64 8.15 11.70 -11.60
CA GLU A 64 6.76 11.81 -11.16
C GLU A 64 6.14 10.45 -10.87
N SER A 65 6.96 9.51 -10.43
CA SER A 65 6.47 8.17 -10.11
C SER A 65 5.94 8.14 -8.68
N THR A 66 4.73 7.62 -8.53
CA THR A 66 4.09 7.51 -7.23
C THR A 66 4.44 6.17 -6.58
N LEU A 67 5.15 6.23 -5.47
CA LEU A 67 5.55 5.02 -4.76
C LEU A 67 4.71 4.84 -3.50
N HIS A 68 4.23 3.63 -3.29
CA HIS A 68 3.43 3.33 -2.11
C HIS A 68 4.32 2.79 -1.00
N LEU A 69 4.34 3.48 0.13
CA LEU A 69 5.15 3.06 1.26
C LEU A 69 4.29 2.51 2.39
N VAL A 70 4.42 1.21 2.63
CA VAL A 70 3.67 0.56 3.68
C VAL A 70 4.58 0.32 4.89
N LEU A 71 4.09 0.65 6.07
CA LEU A 71 4.87 0.47 7.29
C LEU A 71 4.61 -0.90 7.89
N ARG A 72 5.66 -1.64 8.19
CA ARG A 72 5.54 -2.97 8.76
C ARG A 72 6.12 -3.01 10.17
N LEU A 73 5.26 -3.20 11.16
CA LEU A 73 5.68 -3.26 12.56
C LEU A 73 6.19 -4.67 12.90
N ARG A 74 6.84 -4.80 14.04
CA ARG A 74 7.36 -6.09 14.47
C ARG A 74 6.57 -6.61 15.66
N GLY A 75 5.80 -5.74 16.26
CA GLY A 75 4.98 -6.11 17.40
C GLY A 75 3.58 -5.53 17.29
N GLY A 76 2.59 -6.38 17.44
CA GLY A 76 1.21 -5.94 17.36
C GLY A 76 0.68 -5.51 18.70
N ASP B 13 -3.94 2.35 -9.22
CA ASP B 13 -3.08 1.33 -8.59
C ASP B 13 -3.52 1.10 -7.15
N LEU B 14 -4.41 0.14 -6.95
CA LEU B 14 -4.86 -0.21 -5.62
C LEU B 14 -3.96 -1.29 -5.07
N THR B 15 -2.82 -0.87 -4.54
CA THR B 15 -1.83 -1.78 -4.00
C THR B 15 -2.36 -2.56 -2.80
N ILE B 16 -2.62 -3.84 -2.99
CA ILE B 16 -3.09 -4.70 -1.93
C ILE B 16 -1.94 -5.56 -1.44
N SER B 17 -1.73 -5.59 -0.13
CA SER B 17 -0.63 -6.36 0.43
C SER B 17 -1.14 -7.39 1.45
N ASN B 18 -0.72 -8.63 1.26
CA ASN B 18 -1.08 -9.71 2.16
C ASN B 18 0.04 -9.89 3.17
N GLU B 19 -0.22 -9.48 4.40
CA GLU B 19 0.78 -9.55 5.47
C GLU B 19 0.82 -10.93 6.14
N LEU B 20 0.03 -11.86 5.63
CA LEU B 20 0.00 -13.20 6.18
C LEU B 20 0.96 -14.11 5.43
N THR B 21 0.91 -14.04 4.11
CA THR B 21 1.78 -14.85 3.26
C THR B 21 2.86 -14.00 2.61
N GLY B 22 2.82 -12.69 2.83
CA GLY B 22 3.80 -11.81 2.25
C GLY B 22 3.67 -11.73 0.74
N GLU B 23 2.46 -11.43 0.28
CA GLU B 23 2.20 -11.35 -1.15
C GLU B 23 1.79 -9.95 -1.56
N ILE B 24 2.33 -9.50 -2.69
CA ILE B 24 2.01 -8.19 -3.23
C ILE B 24 1.23 -8.38 -4.53
N TYR B 25 0.03 -7.84 -4.57
CA TYR B 25 -0.82 -7.98 -5.75
C TYR B 25 -0.58 -6.84 -6.74
N GLY B 26 -0.97 -7.08 -7.99
CA GLY B 26 -0.78 -6.10 -9.05
C GLY B 26 -1.57 -4.83 -8.87
N PRO B 27 -1.34 -3.83 -9.74
CA PRO B 27 -2.02 -2.54 -9.69
C PRO B 27 -3.48 -2.63 -10.12
N ILE B 28 -4.34 -2.93 -9.18
CA ILE B 28 -5.77 -3.03 -9.46
C ILE B 28 -6.35 -1.64 -9.69
N GLU B 29 -7.13 -1.51 -10.75
CA GLU B 29 -7.77 -0.24 -11.08
C GLU B 29 -9.24 -0.28 -10.70
N VAL B 30 -9.65 0.66 -9.87
CA VAL B 30 -11.03 0.72 -9.42
C VAL B 30 -11.70 2.01 -9.88
N SER B 31 -12.97 2.14 -9.60
CA SER B 31 -13.73 3.33 -9.97
C SER B 31 -14.69 3.70 -8.86
N GLU B 32 -15.03 4.98 -8.78
CA GLU B 32 -15.96 5.46 -7.77
C GLU B 32 -17.37 4.94 -8.05
N ASP B 33 -17.59 4.50 -9.29
CA ASP B 33 -18.87 3.96 -9.72
C ASP B 33 -18.93 2.46 -9.47
N MET B 34 -17.85 1.91 -8.96
CA MET B 34 -17.76 0.49 -8.69
C MET B 34 -18.20 0.17 -7.26
N ALA B 35 -19.12 -0.78 -7.14
CA ALA B 35 -19.63 -1.20 -5.85
C ALA B 35 -18.53 -1.88 -5.04
N LEU B 36 -18.44 -1.54 -3.75
CA LEU B 36 -17.43 -2.13 -2.89
C LEU B 36 -17.62 -3.64 -2.77
N THR B 37 -18.86 -4.09 -2.94
CA THR B 37 -19.20 -5.50 -2.88
C THR B 37 -18.49 -6.30 -3.98
N ASP B 38 -18.42 -5.71 -5.17
CA ASP B 38 -17.76 -6.36 -6.30
C ASP B 38 -16.27 -6.49 -6.03
N LEU B 39 -15.71 -5.47 -5.38
CA LEU B 39 -14.30 -5.47 -5.03
C LEU B 39 -14.05 -6.55 -3.98
N ILE B 40 -14.97 -6.65 -3.02
CA ILE B 40 -14.86 -7.66 -1.97
C ILE B 40 -14.90 -9.06 -2.60
N ALA B 41 -15.73 -9.22 -3.62
CA ALA B 41 -15.85 -10.48 -4.33
C ALA B 41 -14.52 -10.86 -4.98
N LEU B 42 -13.95 -9.92 -5.73
CA LEU B 42 -12.68 -10.13 -6.38
C LEU B 42 -11.58 -10.39 -5.36
N LEU B 43 -11.67 -9.69 -4.23
CA LEU B 43 -10.71 -9.85 -3.15
C LEU B 43 -10.79 -11.26 -2.54
N GLN B 44 -12.00 -11.77 -2.45
CA GLN B 44 -12.23 -13.10 -1.91
C GLN B 44 -11.77 -14.17 -2.88
N ALA B 45 -11.98 -13.92 -4.17
CA ALA B 45 -11.61 -14.87 -5.21
C ALA B 45 -10.12 -14.87 -5.53
N ASP B 46 -9.54 -13.70 -5.77
CA ASP B 46 -8.13 -13.60 -6.13
C ASP B 46 -7.21 -13.63 -4.90
N CYS B 47 -7.31 -12.62 -4.06
CA CYS B 47 -6.46 -12.53 -2.86
C CYS B 47 -6.75 -13.66 -1.89
N GLY B 48 -8.02 -14.02 -1.75
CA GLY B 48 -8.39 -15.07 -0.84
C GLY B 48 -8.88 -14.52 0.48
N PHE B 49 -9.49 -13.35 0.42
CA PHE B 49 -10.01 -12.69 1.61
C PHE B 49 -11.31 -13.36 2.07
N ASP B 50 -11.61 -13.24 3.36
CA ASP B 50 -12.82 -13.83 3.92
C ASP B 50 -13.41 -12.84 4.92
N LYS B 51 -14.72 -12.68 4.90
CA LYS B 51 -15.38 -11.74 5.80
C LYS B 51 -15.75 -12.35 7.15
N THR B 52 -15.41 -13.62 7.36
CA THR B 52 -15.74 -14.27 8.63
C THR B 52 -14.51 -14.83 9.34
N LYS B 53 -13.32 -14.52 8.85
CA LYS B 53 -12.08 -15.00 9.48
C LYS B 53 -10.87 -14.21 8.97
N HIS B 54 -11.08 -12.93 8.70
CA HIS B 54 -10.02 -12.05 8.23
C HIS B 54 -10.35 -10.61 8.57
N ASP B 55 -9.32 -9.79 8.69
CA ASP B 55 -9.49 -8.39 9.01
C ASP B 55 -9.04 -7.52 7.85
N LEU B 56 -9.99 -6.85 7.23
CA LEU B 56 -9.69 -5.98 6.10
C LEU B 56 -9.26 -4.61 6.60
N TYR B 57 -8.02 -4.25 6.33
CA TYR B 57 -7.49 -2.97 6.76
C TYR B 57 -7.48 -1.97 5.61
N TYR B 58 -8.27 -0.92 5.75
CA TYR B 58 -8.36 0.11 4.75
C TYR B 58 -7.64 1.36 5.27
N ASN B 59 -6.62 1.80 4.53
CA ASN B 59 -5.83 2.97 4.90
C ASN B 59 -5.08 2.74 6.21
N MET B 60 -5.75 2.94 7.33
CA MET B 60 -5.16 2.75 8.65
C MET B 60 -6.17 2.20 9.64
N ASP B 61 -7.38 1.92 9.17
CA ASP B 61 -8.44 1.40 10.05
C ASP B 61 -8.99 0.09 9.51
N ILE B 62 -9.82 -0.56 10.31
CA ILE B 62 -10.41 -1.83 9.95
C ILE B 62 -11.79 -1.62 9.32
N LEU B 63 -12.12 -2.46 8.34
CA LEU B 63 -13.41 -2.37 7.68
C LEU B 63 -14.50 -2.99 8.57
N ASP B 64 -15.11 -2.15 9.40
CA ASP B 64 -16.18 -2.59 10.28
C ASP B 64 -17.50 -2.65 9.52
N SER B 65 -18.46 -3.41 10.05
CA SER B 65 -19.78 -3.56 9.43
C SER B 65 -20.48 -2.21 9.26
N ASN B 66 -20.14 -1.25 10.12
CA ASN B 66 -20.72 0.08 10.06
C ASN B 66 -20.21 0.83 8.84
N ARG B 67 -19.12 0.34 8.26
CA ARG B 67 -18.53 0.97 7.10
C ARG B 67 -19.12 0.35 5.83
N THR B 68 -20.40 0.61 5.61
CA THR B 68 -21.08 0.08 4.42
C THR B 68 -20.91 1.04 3.24
N GLN B 69 -20.21 2.13 3.49
CA GLN B 69 -19.94 3.14 2.49
C GLN B 69 -19.06 2.56 1.38
N SER B 70 -19.38 2.91 0.15
CA SER B 70 -18.62 2.41 -1.00
C SER B 70 -17.30 3.17 -1.16
N LEU B 71 -16.53 2.80 -2.17
CA LEU B 71 -15.23 3.40 -2.46
C LEU B 71 -15.27 4.94 -2.45
N LYS B 72 -16.21 5.50 -3.21
CA LYS B 72 -16.33 6.97 -3.32
C LYS B 72 -16.67 7.62 -1.98
N GLU B 73 -17.21 6.86 -1.04
CA GLU B 73 -17.56 7.41 0.26
C GLU B 73 -16.44 7.18 1.27
N LEU B 74 -15.78 6.03 1.17
CA LEU B 74 -14.68 5.68 2.06
C LEU B 74 -13.53 6.68 1.93
N GLY B 75 -13.43 7.31 0.77
CA GLY B 75 -12.38 8.27 0.52
C GLY B 75 -11.37 7.74 -0.46
N LEU B 76 -11.59 6.52 -0.92
CA LEU B 76 -10.69 5.89 -1.87
C LEU B 76 -10.87 6.48 -3.26
N LYS B 77 -9.80 6.54 -4.02
CA LYS B 77 -9.85 7.11 -5.35
C LYS B 77 -9.25 6.16 -6.39
N THR B 78 -7.93 6.07 -6.44
CA THR B 78 -7.25 5.20 -7.41
C THR B 78 -5.81 4.90 -6.97
N ASP B 79 -5.24 5.79 -6.16
CA ASP B 79 -3.86 5.64 -5.68
C ASP B 79 -3.81 5.19 -4.23
N ASP B 80 -4.85 4.53 -3.78
CA ASP B 80 -4.94 4.05 -2.41
C ASP B 80 -4.32 2.66 -2.27
N LEU B 81 -4.44 2.09 -1.09
CA LEU B 81 -3.89 0.77 -0.81
C LEU B 81 -4.84 -0.04 0.08
N LEU B 82 -4.57 -1.33 0.19
CA LEU B 82 -5.38 -2.22 1.00
C LEU B 82 -4.51 -3.28 1.68
N LEU B 83 -4.77 -3.55 2.95
CA LEU B 83 -4.00 -4.53 3.69
C LEU B 83 -4.87 -5.69 4.15
N ILE B 84 -4.37 -6.91 3.95
CA ILE B 84 -5.09 -8.11 4.33
C ILE B 84 -4.47 -8.73 5.58
N ARG B 85 -5.22 -8.73 6.67
CA ARG B 85 -4.76 -9.31 7.94
C ARG B 85 -5.85 -10.18 8.54
N GLY B 86 -5.76 -10.46 9.82
CA GLY B 86 -6.76 -11.28 10.48
C GLY B 86 -6.20 -12.61 10.91
N LYS B 87 -7.00 -13.67 10.78
CA LYS B 87 -6.59 -15.02 11.16
C LYS B 87 -6.43 -15.12 12.68
N ILE B 88 -5.75 -16.16 13.13
CA ILE B 88 -5.54 -16.36 14.55
C ILE B 88 -4.42 -15.47 15.11
N SER B 89 -3.24 -15.60 14.54
CA SER B 89 -2.09 -14.84 15.00
C SER B 89 -2.01 -13.46 14.34
N ASN B 90 -2.74 -12.50 14.90
CA ASN B 90 -2.74 -11.13 14.39
C ASN B 90 -3.69 -10.26 15.20
N SER B 91 -4.99 -10.50 15.05
CA SER B 91 -6.01 -9.72 15.72
C SER B 91 -6.36 -10.33 17.08
N MET A 1 14.68 16.42 -6.98
CA MET A 1 13.26 16.56 -7.35
C MET A 1 12.38 16.15 -6.18
N GLN A 2 11.10 16.49 -6.26
CA GLN A 2 10.16 16.15 -5.20
C GLN A 2 9.36 14.90 -5.54
N ILE A 3 9.24 14.00 -4.58
CA ILE A 3 8.48 12.77 -4.77
C ILE A 3 7.54 12.55 -3.58
N PHE A 4 6.58 11.66 -3.75
CA PHE A 4 5.60 11.37 -2.70
C PHE A 4 5.58 9.88 -2.38
N VAL A 5 5.57 9.57 -1.08
CA VAL A 5 5.52 8.18 -0.63
C VAL A 5 4.27 7.95 0.20
N LYS A 6 3.35 7.15 -0.32
CA LYS A 6 2.11 6.87 0.39
C LYS A 6 2.25 5.63 1.26
N THR A 7 2.07 5.82 2.55
CA THR A 7 2.19 4.73 3.51
C THR A 7 0.87 3.95 3.58
N LEU A 8 0.89 2.83 4.29
CA LEU A 8 -0.31 2.00 4.44
C LEU A 8 -1.33 2.67 5.34
N THR A 9 -0.92 3.73 6.02
CA THR A 9 -1.80 4.46 6.91
C THR A 9 -2.46 5.62 6.16
N GLY A 10 -1.98 5.90 4.96
CA GLY A 10 -2.52 6.98 4.17
C GLY A 10 -1.67 8.24 4.23
N LYS A 11 -0.53 8.15 4.89
CA LYS A 11 0.38 9.29 4.99
C LYS A 11 1.19 9.45 3.71
N ILE A 13 4.59 10.91 2.53
CA ILE A 13 5.89 11.44 2.89
C ILE A 13 6.50 12.23 1.73
N THR A 14 6.97 13.43 2.04
CA THR A 14 7.60 14.29 1.05
C THR A 14 9.11 14.11 1.07
N LEU A 15 9.69 13.71 -0.05
CA LEU A 15 11.13 13.49 -0.12
C LEU A 15 11.76 14.26 -1.27
N GLU A 16 12.96 14.78 -1.03
CA GLU A 16 13.69 15.54 -2.03
C GLU A 16 14.92 14.77 -2.48
N VAL A 17 14.77 13.99 -3.54
CA VAL A 17 15.86 13.19 -4.07
C VAL A 17 16.00 13.40 -5.56
N GLU A 18 17.13 13.00 -6.12
CA GLU A 18 17.37 13.17 -7.55
C GLU A 18 17.30 11.81 -8.25
N PRO A 19 17.06 11.80 -9.58
CA PRO A 19 16.96 10.54 -10.35
C PRO A 19 18.23 9.70 -10.27
N SER A 20 19.32 10.32 -9.85
CA SER A 20 20.60 9.64 -9.74
C SER A 20 20.75 8.92 -8.40
N ASP A 21 19.70 8.97 -7.58
CA ASP A 21 19.72 8.32 -6.27
C ASP A 21 19.27 6.87 -6.37
N THR A 22 19.83 6.03 -5.51
CA THR A 22 19.50 4.61 -5.50
C THR A 22 18.28 4.33 -4.61
N ILE A 23 17.54 3.28 -4.94
CA ILE A 23 16.35 2.91 -4.18
C ILE A 23 16.69 2.62 -2.72
N GLU A 24 17.78 1.88 -2.50
CA GLU A 24 18.22 1.54 -1.16
C GLU A 24 18.55 2.82 -0.39
N ASN A 25 19.12 3.79 -1.09
CA ASN A 25 19.48 5.06 -0.49
C ASN A 25 18.24 5.83 -0.04
N VAL A 26 17.21 5.80 -0.88
CA VAL A 26 15.94 6.45 -0.57
C VAL A 26 15.31 5.83 0.67
N LYS A 27 15.37 4.50 0.74
CA LYS A 27 14.81 3.77 1.88
C LYS A 27 15.53 4.15 3.17
N ALA A 28 16.83 4.40 3.07
CA ALA A 28 17.62 4.82 4.21
C ALA A 28 17.16 6.18 4.71
N LYS A 29 16.79 7.04 3.76
CA LYS A 29 16.32 8.38 4.09
C LYS A 29 14.93 8.31 4.71
N ILE A 30 14.15 7.31 4.29
CA ILE A 30 12.83 7.10 4.85
C ILE A 30 12.95 6.64 6.29
N GLN A 31 13.96 5.81 6.53
CA GLN A 31 14.26 5.28 7.86
C GLN A 31 14.62 6.41 8.81
N ASP A 32 15.21 7.46 8.26
CA ASP A 32 15.64 8.61 9.04
C ASP A 32 14.44 9.47 9.45
N LYS A 33 13.38 9.42 8.66
CA LYS A 33 12.19 10.22 8.93
C LYS A 33 11.10 9.43 9.66
N GLU A 34 10.81 8.23 9.18
CA GLU A 34 9.76 7.40 9.77
C GLU A 34 10.30 6.45 10.83
N GLY A 35 11.59 6.15 10.78
CA GLY A 35 12.18 5.25 11.76
C GLY A 35 11.83 3.79 11.49
N ILE A 36 11.56 3.49 10.23
CA ILE A 36 11.21 2.14 9.83
C ILE A 36 12.40 1.49 9.13
N PRO A 37 12.88 0.32 9.63
CA PRO A 37 14.00 -0.40 9.04
C PRO A 37 13.85 -0.61 7.54
N PRO A 38 14.94 -0.39 6.76
CA PRO A 38 14.90 -0.54 5.30
C PRO A 38 14.72 -1.99 4.86
N ASP A 39 14.75 -2.89 5.84
CA ASP A 39 14.59 -4.32 5.58
C ASP A 39 13.12 -4.73 5.54
N GLN A 40 12.26 -3.83 6.00
CA GLN A 40 10.83 -4.09 6.02
C GLN A 40 10.10 -3.06 5.16
N GLN A 41 10.88 -2.38 4.32
CA GLN A 41 10.35 -1.36 3.44
C GLN A 41 10.16 -1.89 2.03
N ARG A 42 8.91 -2.02 1.61
CA ARG A 42 8.61 -2.49 0.27
C ARG A 42 8.04 -1.34 -0.56
N LEU A 43 8.86 -0.82 -1.45
CA LEU A 43 8.46 0.29 -2.30
C LEU A 43 7.92 -0.20 -3.64
N ILE A 44 6.66 0.13 -3.90
CA ILE A 44 6.01 -0.26 -5.14
C ILE A 44 5.63 1.00 -5.93
N PHE A 45 6.03 1.05 -7.18
CA PHE A 45 5.74 2.17 -8.05
C PHE A 45 4.84 1.73 -9.20
N ALA A 46 3.53 1.98 -9.05
CA ALA A 46 2.54 1.63 -10.06
C ALA A 46 2.54 0.13 -10.34
N GLY A 47 2.48 -0.66 -9.28
CA GLY A 47 2.46 -2.09 -9.40
C GLY A 47 3.84 -2.72 -9.52
N LYS A 48 4.83 -1.92 -9.88
CA LYS A 48 6.19 -2.42 -10.04
C LYS A 48 7.00 -2.24 -8.76
N GLN A 49 7.48 -3.35 -8.20
CA GLN A 49 8.27 -3.32 -6.98
C GLN A 49 9.71 -2.95 -7.30
N LEU A 50 10.27 -2.03 -6.53
CA LEU A 50 11.63 -1.57 -6.75
C LEU A 50 12.64 -2.43 -5.99
N GLU A 51 13.84 -2.54 -6.55
CA GLU A 51 14.91 -3.31 -5.92
C GLU A 51 15.90 -2.36 -5.25
N ASP A 52 16.56 -2.85 -4.20
CA ASP A 52 17.54 -2.04 -3.46
C ASP A 52 18.66 -1.55 -4.37
N GLY A 53 19.24 -2.46 -5.15
CA GLY A 53 20.35 -2.11 -6.03
C GLY A 53 19.92 -1.53 -7.36
N ARG A 54 19.03 -0.53 -7.32
CA ARG A 54 18.57 0.12 -8.54
C ARG A 54 18.49 1.62 -8.33
N THR A 55 18.38 2.37 -9.41
CA THR A 55 18.28 3.82 -9.34
C THR A 55 16.88 4.27 -9.73
N LEU A 56 16.50 5.47 -9.30
CA LEU A 56 15.17 6.02 -9.60
C LEU A 56 14.95 6.13 -11.11
N SER A 57 16.01 6.41 -11.85
CA SER A 57 15.93 6.57 -13.29
C SER A 57 15.60 5.26 -14.00
N ASP A 58 15.90 4.13 -13.35
CA ASP A 58 15.64 2.82 -13.94
C ASP A 58 14.16 2.58 -14.15
N TYR A 59 13.35 2.98 -13.17
CA TYR A 59 11.91 2.78 -13.24
C TYR A 59 11.21 4.01 -13.81
N ASN A 60 12.00 4.90 -14.42
CA ASN A 60 11.49 6.13 -15.04
C ASN A 60 10.78 7.02 -14.03
N ILE A 61 11.27 7.00 -12.79
CA ILE A 61 10.69 7.81 -11.74
C ILE A 61 11.07 9.27 -11.91
N GLN A 62 10.08 10.11 -12.10
CA GLN A 62 10.30 11.54 -12.29
C GLN A 62 9.79 12.31 -11.09
N LYS A 63 9.61 13.61 -11.27
CA LYS A 63 9.12 14.47 -10.20
C LYS A 63 7.62 14.27 -10.00
N GLU A 64 7.16 14.51 -8.77
CA GLU A 64 5.75 14.38 -8.40
C GLU A 64 5.28 12.93 -8.47
N SER A 65 6.21 12.00 -8.44
CA SER A 65 5.88 10.57 -8.50
C SER A 65 5.44 10.07 -7.13
N THR A 66 4.30 9.41 -7.08
CA THR A 66 3.78 8.86 -5.84
C THR A 66 3.98 7.36 -5.78
N LEU A 67 4.77 6.90 -4.80
CA LEU A 67 5.06 5.50 -4.62
C LEU A 67 4.27 4.91 -3.47
N HIS A 68 4.14 3.59 -3.46
CA HIS A 68 3.43 2.87 -2.41
C HIS A 68 4.43 2.23 -1.46
N LEU A 69 4.34 2.57 -0.17
CA LEU A 69 5.24 1.99 0.82
C LEU A 69 4.51 0.95 1.66
N VAL A 70 4.91 -0.30 1.47
CA VAL A 70 4.32 -1.42 2.19
C VAL A 70 5.30 -1.96 3.22
N LEU A 71 4.77 -2.56 4.28
CA LEU A 71 5.58 -3.13 5.34
C LEU A 71 5.83 -4.60 5.08
N ARG A 72 6.30 -5.31 6.09
CA ARG A 72 6.58 -6.74 5.98
C ARG A 72 6.91 -7.33 7.35
N LEU A 73 5.93 -7.32 8.24
CA LEU A 73 6.12 -7.86 9.59
C LEU A 73 6.33 -9.38 9.55
N ARG A 74 7.41 -9.83 10.15
CA ARG A 74 7.73 -11.25 10.22
C ARG A 74 7.64 -11.74 11.66
N GLY A 75 6.87 -12.78 11.88
CA GLY A 75 6.71 -13.33 13.21
C GLY A 75 5.66 -14.41 13.27
N GLY A 76 5.08 -14.62 14.45
CA GLY A 76 4.07 -15.64 14.61
C GLY A 76 3.18 -15.34 15.79
N ASP B 13 -3.80 0.47 -8.68
CA ASP B 13 -2.64 0.11 -7.83
C ASP B 13 -3.09 -0.05 -6.39
N LEU B 14 -4.13 -0.85 -6.19
CA LEU B 14 -4.66 -1.09 -4.85
C LEU B 14 -3.71 -1.94 -4.04
N THR B 15 -3.34 -1.45 -2.87
CA THR B 15 -2.42 -2.16 -2.01
C THR B 15 -3.13 -2.70 -0.77
N ILE B 16 -3.18 -4.02 -0.66
CA ILE B 16 -3.81 -4.67 0.48
C ILE B 16 -2.73 -5.29 1.35
N SER B 17 -2.78 -5.03 2.66
CA SER B 17 -1.78 -5.57 3.56
C SER B 17 -2.42 -6.12 4.83
N ASN B 18 -1.84 -7.21 5.32
CA ASN B 18 -2.34 -7.86 6.52
C ASN B 18 -1.15 -8.21 7.42
N GLU B 19 -0.82 -7.30 8.32
CA GLU B 19 0.31 -7.49 9.22
C GLU B 19 -0.03 -8.39 10.40
N LEU B 20 -1.18 -9.06 10.36
CA LEU B 20 -1.54 -9.97 11.43
C LEU B 20 -0.71 -11.24 11.31
N THR B 21 -0.39 -11.57 10.07
CA THR B 21 0.42 -12.73 9.77
C THR B 21 1.53 -12.37 8.77
N GLY B 22 1.56 -11.10 8.38
CA GLY B 22 2.56 -10.65 7.43
C GLY B 22 2.24 -11.13 6.03
N GLU B 23 1.04 -10.85 5.57
CA GLU B 23 0.62 -11.27 4.25
C GLU B 23 0.53 -10.08 3.30
N ILE B 24 1.53 -9.94 2.46
CA ILE B 24 1.57 -8.85 1.49
C ILE B 24 0.92 -9.29 0.19
N TYR B 25 -0.22 -8.68 -0.13
CA TYR B 25 -0.94 -9.01 -1.34
C TYR B 25 -0.48 -8.11 -2.47
N GLY B 26 -0.35 -8.67 -3.67
CA GLY B 26 0.10 -7.93 -4.82
C GLY B 26 -0.89 -6.84 -5.23
N PRO B 27 -0.38 -5.72 -5.78
CA PRO B 27 -1.20 -4.60 -6.23
C PRO B 27 -2.25 -5.01 -7.26
N ILE B 28 -3.49 -4.61 -7.02
CA ILE B 28 -4.60 -4.94 -7.90
C ILE B 28 -5.15 -3.67 -8.56
N GLU B 29 -5.62 -3.77 -9.78
CA GLU B 29 -6.19 -2.61 -10.45
C GLU B 29 -7.71 -2.68 -10.40
N VAL B 30 -8.30 -1.78 -9.64
CA VAL B 30 -9.75 -1.74 -9.48
C VAL B 30 -10.38 -0.78 -10.48
N SER B 31 -11.69 -0.67 -10.44
CA SER B 31 -12.40 0.20 -11.33
C SER B 31 -13.62 0.80 -10.63
N GLU B 32 -14.08 1.94 -11.11
CA GLU B 32 -15.25 2.60 -10.55
C GLU B 32 -16.52 1.88 -10.95
N ASP B 33 -16.40 0.97 -11.93
CA ASP B 33 -17.55 0.20 -12.40
C ASP B 33 -17.54 -1.18 -11.77
N MET B 34 -16.59 -1.41 -10.87
CA MET B 34 -16.47 -2.68 -10.18
C MET B 34 -17.30 -2.69 -8.91
N ALA B 35 -18.01 -3.78 -8.69
CA ALA B 35 -18.86 -3.91 -7.51
C ALA B 35 -18.01 -4.13 -6.27
N LEU B 36 -18.34 -3.42 -5.19
CA LEU B 36 -17.60 -3.54 -3.94
C LEU B 36 -17.69 -4.96 -3.40
N THR B 37 -18.82 -5.61 -3.65
CA THR B 37 -19.03 -6.98 -3.20
C THR B 37 -18.07 -7.94 -3.89
N ASP B 38 -17.77 -7.65 -5.16
CA ASP B 38 -16.85 -8.49 -5.93
C ASP B 38 -15.45 -8.34 -5.35
N LEU B 39 -15.12 -7.11 -4.96
CA LEU B 39 -13.83 -6.81 -4.36
C LEU B 39 -13.72 -7.55 -3.03
N ILE B 40 -14.81 -7.51 -2.27
CA ILE B 40 -14.88 -8.19 -0.98
C ILE B 40 -14.72 -9.70 -1.19
N ALA B 41 -15.33 -10.21 -2.26
CA ALA B 41 -15.25 -11.62 -2.59
C ALA B 41 -13.81 -12.02 -2.83
N LEU B 42 -13.09 -11.22 -3.60
CA LEU B 42 -11.68 -11.48 -3.89
C LEU B 42 -10.88 -11.49 -2.60
N LEU B 43 -11.22 -10.56 -1.72
CA LEU B 43 -10.56 -10.44 -0.44
C LEU B 43 -10.83 -11.67 0.43
N GLN B 44 -12.07 -12.13 0.42
CA GLN B 44 -12.48 -13.29 1.20
C GLN B 44 -11.92 -14.58 0.61
N ALA B 45 -11.56 -14.54 -0.66
CA ALA B 45 -11.04 -15.72 -1.34
C ALA B 45 -9.51 -15.81 -1.24
N ASP B 46 -8.82 -14.83 -1.80
CA ASP B 46 -7.36 -14.84 -1.81
C ASP B 46 -6.78 -14.37 -0.47
N CYS B 47 -7.19 -13.19 -0.04
CA CYS B 47 -6.70 -12.62 1.22
C CYS B 47 -7.17 -13.43 2.43
N GLY B 48 -8.32 -14.08 2.29
CA GLY B 48 -8.85 -14.87 3.38
C GLY B 48 -9.66 -14.02 4.32
N PHE B 49 -10.11 -12.87 3.83
CA PHE B 49 -10.92 -11.96 4.63
C PHE B 49 -12.26 -12.60 4.97
N ASP B 50 -12.89 -12.12 6.03
CA ASP B 50 -14.17 -12.64 6.45
C ASP B 50 -14.99 -11.53 7.11
N LYS B 51 -16.24 -11.42 6.70
CA LYS B 51 -17.14 -10.40 7.22
C LYS B 51 -17.81 -10.84 8.53
N THR B 52 -17.20 -11.79 9.22
CA THR B 52 -17.76 -12.30 10.47
C THR B 52 -16.81 -12.03 11.64
N LYS B 53 -15.59 -12.53 11.56
CA LYS B 53 -14.62 -12.37 12.64
C LYS B 53 -13.40 -11.55 12.20
N HIS B 54 -13.48 -10.90 11.06
CA HIS B 54 -12.38 -10.09 10.58
C HIS B 54 -12.83 -8.65 10.37
N ASP B 55 -11.93 -7.71 10.60
CA ASP B 55 -12.24 -6.29 10.44
C ASP B 55 -11.55 -5.73 9.22
N LEU B 56 -12.27 -4.93 8.45
CA LEU B 56 -11.72 -4.33 7.25
C LEU B 56 -11.46 -2.84 7.50
N TYR B 57 -10.26 -2.38 7.19
CA TYR B 57 -9.90 -0.99 7.42
C TYR B 57 -9.53 -0.29 6.11
N TYR B 58 -10.17 0.84 5.88
CA TYR B 58 -9.89 1.65 4.71
C TYR B 58 -9.20 2.93 5.16
N ASN B 59 -7.91 3.04 4.84
CA ASN B 59 -7.10 4.19 5.20
C ASN B 59 -6.94 4.31 6.73
N MET B 60 -7.97 4.79 7.41
CA MET B 60 -7.94 4.94 8.86
C MET B 60 -9.34 4.77 9.47
N ASP B 61 -10.23 4.13 8.73
CA ASP B 61 -11.59 3.91 9.20
C ASP B 61 -12.01 2.46 9.00
N ILE B 62 -12.90 1.98 9.86
CA ILE B 62 -13.39 0.61 9.79
C ILE B 62 -14.57 0.50 8.84
N LEU B 63 -14.55 -0.53 8.00
CA LEU B 63 -15.63 -0.75 7.04
C LEU B 63 -16.85 -1.34 7.75
N ASP B 64 -17.76 -0.46 8.14
CA ASP B 64 -18.99 -0.85 8.82
C ASP B 64 -20.09 -1.12 7.80
N SER B 65 -21.18 -1.76 8.25
CA SER B 65 -22.31 -2.05 7.36
C SER B 65 -22.92 -0.75 6.82
N ASN B 66 -22.75 0.33 7.57
CA ASN B 66 -23.26 1.64 7.16
C ASN B 66 -22.44 2.18 5.99
N ARG B 67 -21.28 1.58 5.77
CA ARG B 67 -20.39 1.98 4.70
C ARG B 67 -20.60 1.10 3.48
N THR B 68 -21.85 0.87 3.12
CA THR B 68 -22.18 0.04 1.96
C THR B 68 -22.03 0.85 0.66
N GLN B 69 -20.98 1.66 0.62
CA GLN B 69 -20.69 2.51 -0.52
C GLN B 69 -19.83 1.75 -1.52
N SER B 70 -20.03 2.04 -2.79
CA SER B 70 -19.26 1.39 -3.84
C SER B 70 -17.84 1.95 -3.88
N LEU B 71 -16.96 1.31 -4.64
CA LEU B 71 -15.58 1.74 -4.75
C LEU B 71 -15.49 3.16 -5.30
N LYS B 72 -16.47 3.53 -6.13
CA LYS B 72 -16.51 4.85 -6.73
C LYS B 72 -17.03 5.90 -5.74
N GLU B 73 -17.45 5.44 -4.55
CA GLU B 73 -17.96 6.34 -3.52
C GLU B 73 -16.97 6.45 -2.37
N LEU B 74 -16.33 5.32 -2.04
CA LEU B 74 -15.36 5.26 -0.96
C LEU B 74 -14.20 6.21 -1.20
N GLY B 75 -13.80 6.36 -2.46
CA GLY B 75 -12.70 7.25 -2.78
C GLY B 75 -11.47 6.53 -3.29
N LEU B 76 -11.68 5.38 -3.93
CA LEU B 76 -10.57 4.63 -4.48
C LEU B 76 -10.12 5.24 -5.79
N LYS B 77 -8.83 5.18 -6.09
CA LYS B 77 -8.31 5.76 -7.32
C LYS B 77 -6.98 5.11 -7.72
N THR B 78 -5.95 5.36 -6.92
CA THR B 78 -4.63 4.81 -7.20
C THR B 78 -3.77 4.77 -5.94
N ASP B 79 -3.78 5.87 -5.19
CA ASP B 79 -2.98 5.99 -3.96
C ASP B 79 -3.75 5.50 -2.73
N ASP B 80 -4.58 4.50 -2.93
CA ASP B 80 -5.37 3.93 -1.85
C ASP B 80 -4.75 2.65 -1.32
N LEU B 81 -5.27 2.20 -0.17
CA LEU B 81 -4.78 0.99 0.47
C LEU B 81 -5.85 0.39 1.39
N LEU B 82 -5.80 -0.92 1.58
CA LEU B 82 -6.76 -1.62 2.43
C LEU B 82 -6.01 -2.51 3.43
N LEU B 83 -6.38 -2.42 4.69
CA LEU B 83 -5.73 -3.21 5.71
C LEU B 83 -6.71 -4.19 6.35
N ILE B 84 -6.25 -5.41 6.53
CA ILE B 84 -7.07 -6.47 7.14
C ILE B 84 -6.65 -6.69 8.58
N ARG B 85 -7.61 -6.57 9.50
CA ARG B 85 -7.34 -6.77 10.92
C ARG B 85 -8.49 -7.55 11.56
N GLY B 86 -8.62 -7.45 12.88
CA GLY B 86 -9.68 -8.15 13.56
C GLY B 86 -9.20 -9.38 14.30
N LYS B 87 -9.92 -10.48 14.14
CA LYS B 87 -9.59 -11.75 14.78
C LYS B 87 -9.86 -11.70 16.29
N ILE B 88 -8.81 -11.56 17.09
CA ILE B 88 -8.97 -11.54 18.54
C ILE B 88 -8.26 -10.34 19.16
N SER B 89 -6.97 -10.25 18.93
CA SER B 89 -6.16 -9.17 19.49
C SER B 89 -6.23 -7.91 18.61
N ASN B 90 -7.43 -7.38 18.44
CA ASN B 90 -7.62 -6.16 17.64
C ASN B 90 -9.00 -5.57 17.87
N SER B 91 -10.03 -6.35 17.62
CA SER B 91 -11.40 -5.90 17.78
C SER B 91 -11.73 -5.68 19.26
N MET A 1 12.01 16.46 -8.64
CA MET A 1 10.54 16.25 -8.62
C MET A 1 10.10 15.82 -7.23
N GLN A 2 8.80 15.93 -6.96
CA GLN A 2 8.26 15.55 -5.66
C GLN A 2 7.44 14.28 -5.80
N ILE A 3 7.53 13.41 -4.80
CA ILE A 3 6.77 12.16 -4.81
C ILE A 3 6.05 11.98 -3.48
N PHE A 4 5.07 11.09 -3.47
CA PHE A 4 4.31 10.83 -2.26
C PHE A 4 4.48 9.38 -1.84
N VAL A 5 4.72 9.15 -0.57
CA VAL A 5 4.90 7.82 -0.03
C VAL A 5 3.80 7.48 0.97
N LYS A 6 3.05 6.42 0.68
CA LYS A 6 1.97 5.97 1.55
C LYS A 6 2.46 4.85 2.45
N THR A 7 2.32 5.05 3.76
CA THR A 7 2.75 4.06 4.73
C THR A 7 1.60 3.12 5.09
N LEU A 8 1.90 2.12 5.92
CA LEU A 8 0.89 1.16 6.36
C LEU A 8 -0.04 1.79 7.39
N THR A 9 0.31 2.99 7.83
CA THR A 9 -0.48 3.72 8.81
C THR A 9 -1.35 4.76 8.13
N GLY A 10 -1.18 4.91 6.82
CA GLY A 10 -1.95 5.89 6.08
C GLY A 10 -1.37 7.28 6.16
N LYS A 11 -0.06 7.38 5.98
CA LYS A 11 0.62 8.68 6.03
C LYS A 11 0.97 9.16 4.63
N ILE A 13 3.82 11.03 3.01
CA ILE A 13 5.17 11.57 3.08
C ILE A 13 5.64 12.07 1.72
N THR A 14 6.00 13.35 1.67
CA THR A 14 6.50 13.96 0.44
C THR A 14 8.02 14.00 0.46
N LEU A 15 8.64 13.48 -0.59
CA LEU A 15 10.10 13.46 -0.67
C LEU A 15 10.59 14.06 -1.99
N GLU A 16 11.68 14.81 -1.89
CA GLU A 16 12.28 15.43 -3.07
C GLU A 16 13.29 14.48 -3.70
N VAL A 17 12.98 14.02 -4.91
CA VAL A 17 13.84 13.10 -5.62
C VAL A 17 13.94 13.49 -7.10
N GLU A 18 14.92 12.94 -7.79
CA GLU A 18 15.10 13.23 -9.20
C GLU A 18 15.02 11.94 -10.02
N PRO A 19 14.80 12.03 -11.33
CA PRO A 19 14.69 10.84 -12.19
C PRO A 19 15.90 9.88 -12.07
N SER A 20 17.09 10.44 -11.89
CA SER A 20 18.31 9.65 -11.77
C SER A 20 18.58 9.24 -10.31
N ASP A 21 17.61 9.45 -9.43
CA ASP A 21 17.79 9.10 -8.03
C ASP A 21 17.65 7.59 -7.86
N THR A 22 18.57 7.00 -7.11
CA THR A 22 18.58 5.57 -6.86
C THR A 22 17.58 5.21 -5.78
N ILE A 23 16.99 4.02 -5.86
CA ILE A 23 16.02 3.56 -4.88
C ILE A 23 16.64 3.54 -3.49
N GLU A 24 17.90 3.08 -3.42
CA GLU A 24 18.61 3.01 -2.15
C GLU A 24 18.73 4.40 -1.51
N ASN A 25 18.90 5.41 -2.34
CA ASN A 25 19.02 6.78 -1.86
C ASN A 25 17.71 7.24 -1.25
N VAL A 26 16.59 6.81 -1.84
CA VAL A 26 15.27 7.16 -1.35
C VAL A 26 15.06 6.54 0.03
N LYS A 27 15.56 5.31 0.20
CA LYS A 27 15.44 4.60 1.47
C LYS A 27 16.17 5.39 2.56
N ALA A 28 17.29 5.99 2.18
CA ALA A 28 18.09 6.78 3.10
C ALA A 28 17.35 8.05 3.50
N LYS A 29 16.59 8.60 2.56
CA LYS A 29 15.82 9.81 2.81
C LYS A 29 14.68 9.51 3.78
N ILE A 30 14.08 8.33 3.64
CA ILE A 30 12.98 7.91 4.51
C ILE A 30 13.52 7.68 5.93
N GLN A 31 14.76 7.20 5.99
CA GLN A 31 15.43 6.93 7.27
C GLN A 31 15.63 8.23 8.03
N ASP A 32 15.84 9.32 7.30
CA ASP A 32 16.05 10.63 7.92
C ASP A 32 14.75 11.19 8.47
N LYS A 33 13.65 10.93 7.78
CA LYS A 33 12.35 11.43 8.19
C LYS A 33 11.71 10.57 9.28
N GLU A 34 11.43 9.32 8.95
CA GLU A 34 10.77 8.41 9.90
C GLU A 34 11.76 7.79 10.88
N GLY A 35 13.00 7.56 10.43
CA GLY A 35 13.99 6.97 11.31
C GLY A 35 13.99 5.46 11.25
N ILE A 36 13.26 4.92 10.28
CA ILE A 36 13.18 3.48 10.11
C ILE A 36 14.32 2.99 9.21
N PRO A 37 15.04 1.93 9.65
CA PRO A 37 16.16 1.37 8.89
C PRO A 37 15.75 0.95 7.48
N PRO A 38 16.52 1.36 6.46
CA PRO A 38 16.26 1.03 5.05
C PRO A 38 16.13 -0.47 4.80
N ASP A 39 16.78 -1.27 5.64
CA ASP A 39 16.74 -2.73 5.49
C ASP A 39 15.35 -3.28 5.78
N GLN A 40 14.54 -2.51 6.52
CA GLN A 40 13.19 -2.94 6.86
C GLN A 40 12.18 -2.26 5.93
N GLN A 41 12.68 -1.41 5.05
CA GLN A 41 11.84 -0.67 4.12
C GLN A 41 11.66 -1.41 2.80
N ARG A 42 10.41 -1.65 2.43
CA ARG A 42 10.10 -2.29 1.16
C ARG A 42 9.14 -1.42 0.37
N LEU A 43 9.65 -0.80 -0.68
CA LEU A 43 8.85 0.10 -1.51
C LEU A 43 8.19 -0.64 -2.67
N ILE A 44 6.88 -0.49 -2.77
CA ILE A 44 6.12 -1.13 -3.84
C ILE A 44 5.39 -0.08 -4.67
N PHE A 45 5.58 -0.15 -5.98
CA PHE A 45 4.95 0.77 -6.92
C PHE A 45 4.31 -0.01 -8.05
N ALA A 46 3.02 0.21 -8.25
CA ALA A 46 2.27 -0.47 -9.32
C ALA A 46 2.24 -1.98 -9.10
N GLY A 47 2.10 -2.39 -7.84
CA GLY A 47 2.05 -3.80 -7.51
C GLY A 47 3.39 -4.50 -7.69
N LYS A 48 4.46 -3.73 -7.78
CA LYS A 48 5.80 -4.29 -7.96
C LYS A 48 6.77 -3.67 -6.96
N GLN A 49 7.63 -4.50 -6.38
CA GLN A 49 8.60 -4.01 -5.41
C GLN A 49 9.82 -3.42 -6.12
N LEU A 50 10.37 -2.36 -5.56
CA LEU A 50 11.52 -1.70 -6.15
C LEU A 50 12.83 -2.26 -5.58
N GLU A 51 13.82 -2.43 -6.44
CA GLU A 51 15.11 -2.95 -6.04
C GLU A 51 16.07 -1.80 -5.73
N ASP A 52 16.91 -2.00 -4.72
CA ASP A 52 17.87 -0.98 -4.29
C ASP A 52 18.93 -0.73 -5.35
N GLY A 53 19.10 -1.69 -6.25
CA GLY A 53 20.09 -1.55 -7.30
C GLY A 53 19.49 -0.97 -8.58
N ARG A 54 18.42 -0.19 -8.44
CA ARG A 54 17.77 0.43 -9.59
C ARG A 54 17.49 1.91 -9.31
N THR A 55 17.05 2.62 -10.34
CA THR A 55 16.73 4.02 -10.22
C THR A 55 15.22 4.24 -10.39
N LEU A 56 14.76 5.45 -10.10
CA LEU A 56 13.34 5.76 -10.22
C LEU A 56 12.88 5.65 -11.67
N SER A 57 13.75 6.02 -12.61
CA SER A 57 13.42 5.97 -14.03
C SER A 57 13.37 4.53 -14.54
N ASP A 58 13.86 3.59 -13.73
CA ASP A 58 13.85 2.18 -14.12
C ASP A 58 12.46 1.59 -13.96
N TYR A 59 11.58 2.32 -13.29
CA TYR A 59 10.22 1.88 -13.07
C TYR A 59 9.22 2.86 -13.67
N ASN A 60 9.74 3.81 -14.44
CA ASN A 60 8.93 4.83 -15.11
C ASN A 60 8.23 5.75 -14.10
N ILE A 61 8.88 5.97 -12.96
CA ILE A 61 8.31 6.83 -11.93
C ILE A 61 8.44 8.29 -12.34
N GLN A 62 7.33 9.02 -12.29
CA GLN A 62 7.32 10.42 -12.67
C GLN A 62 7.03 11.30 -11.46
N LYS A 63 6.71 12.57 -11.71
CA LYS A 63 6.40 13.49 -10.62
C LYS A 63 5.02 13.22 -10.04
N GLU A 64 4.88 13.49 -8.74
CA GLU A 64 3.62 13.31 -8.00
C GLU A 64 3.19 11.85 -7.94
N SER A 65 4.13 10.94 -8.19
CA SER A 65 3.85 9.51 -8.14
C SER A 65 3.76 9.07 -6.68
N THR A 66 2.90 8.12 -6.39
CA THR A 66 2.74 7.64 -5.03
C THR A 66 3.28 6.22 -4.87
N LEU A 67 4.14 6.05 -3.89
CA LEU A 67 4.72 4.74 -3.60
C LEU A 67 4.09 4.16 -2.36
N HIS A 68 4.22 2.85 -2.20
CA HIS A 68 3.67 2.17 -1.04
C HIS A 68 4.82 1.60 -0.21
N LEU A 69 4.93 2.02 1.04
CA LEU A 69 6.02 1.55 1.90
C LEU A 69 5.53 0.48 2.88
N VAL A 70 6.06 -0.72 2.72
CA VAL A 70 5.73 -1.84 3.59
C VAL A 70 6.93 -2.19 4.46
N LEU A 71 6.69 -2.38 5.75
CA LEU A 71 7.75 -2.72 6.67
C LEU A 71 7.64 -4.19 7.08
N ARG A 72 8.78 -4.88 7.14
CA ARG A 72 8.79 -6.28 7.51
C ARG A 72 10.20 -6.70 7.90
N LEU A 73 10.30 -7.56 8.90
CA LEU A 73 11.60 -8.04 9.38
C LEU A 73 12.19 -9.04 8.40
N ARG A 74 13.44 -9.46 8.66
CA ARG A 74 14.14 -10.41 7.81
C ARG A 74 13.45 -11.77 7.79
N GLY A 75 12.89 -12.17 8.93
CA GLY A 75 12.21 -13.46 9.00
C GLY A 75 11.24 -13.54 10.16
N GLY A 76 9.98 -13.80 9.85
CA GLY A 76 8.97 -13.90 10.90
C GLY A 76 8.65 -15.34 11.21
N ASP B 13 -3.34 1.30 -9.71
CA ASP B 13 -2.70 0.36 -8.75
C ASP B 13 -3.47 0.35 -7.44
N LEU B 14 -3.84 -0.85 -7.00
CA LEU B 14 -4.55 -1.03 -5.75
C LEU B 14 -3.83 -2.09 -4.95
N THR B 15 -2.77 -1.68 -4.28
CA THR B 15 -1.97 -2.58 -3.48
C THR B 15 -2.70 -3.03 -2.22
N ILE B 16 -2.98 -4.31 -2.15
CA ILE B 16 -3.65 -4.87 -1.00
C ILE B 16 -2.62 -5.60 -0.14
N SER B 17 -2.58 -5.29 1.14
CA SER B 17 -1.62 -5.92 2.03
C SER B 17 -2.31 -6.59 3.22
N ASN B 18 -2.12 -7.89 3.34
CA ASN B 18 -2.69 -8.65 4.44
C ASN B 18 -1.71 -8.68 5.60
N GLU B 19 -1.95 -7.82 6.58
CA GLU B 19 -1.08 -7.69 7.75
C GLU B 19 -1.18 -8.89 8.70
N LEU B 20 -2.12 -9.77 8.44
CA LEU B 20 -2.29 -10.95 9.29
C LEU B 20 -1.15 -11.94 9.14
N THR B 21 -0.71 -12.16 7.90
CA THR B 21 0.38 -13.09 7.63
C THR B 21 1.52 -12.42 6.86
N GLY B 22 1.31 -11.18 6.44
CA GLY B 22 2.33 -10.46 5.70
C GLY B 22 2.32 -10.84 4.23
N GLU B 23 1.20 -10.63 3.57
CA GLU B 23 1.06 -10.95 2.15
C GLU B 23 0.78 -9.70 1.34
N ILE B 24 1.62 -9.45 0.34
CA ILE B 24 1.45 -8.30 -0.54
C ILE B 24 0.92 -8.78 -1.88
N TYR B 25 -0.21 -8.24 -2.31
CA TYR B 25 -0.81 -8.64 -3.57
C TYR B 25 -0.40 -7.69 -4.69
N GLY B 26 -0.73 -8.06 -5.92
CA GLY B 26 -0.38 -7.26 -7.07
C GLY B 26 -1.25 -6.04 -7.27
N PRO B 27 -1.13 -5.37 -8.43
CA PRO B 27 -1.89 -4.16 -8.75
C PRO B 27 -3.24 -4.45 -9.41
N ILE B 28 -4.31 -4.34 -8.63
CA ILE B 28 -5.64 -4.56 -9.16
C ILE B 28 -6.14 -3.28 -9.82
N GLU B 29 -6.40 -3.35 -11.12
CA GLU B 29 -6.88 -2.20 -11.86
C GLU B 29 -8.38 -2.02 -11.66
N VAL B 30 -8.75 -1.10 -10.79
CA VAL B 30 -10.15 -0.82 -10.50
C VAL B 30 -10.77 0.11 -11.54
N SER B 31 -12.06 0.36 -11.39
CA SER B 31 -12.79 1.22 -12.29
C SER B 31 -13.87 1.96 -11.51
N GLU B 32 -14.19 3.17 -11.91
CA GLU B 32 -15.21 3.95 -11.22
C GLU B 32 -16.61 3.43 -11.57
N ASP B 33 -16.67 2.51 -12.53
CA ASP B 33 -17.93 1.91 -12.93
C ASP B 33 -18.04 0.51 -12.34
N MET B 34 -17.04 0.16 -11.54
CA MET B 34 -16.98 -1.13 -10.90
C MET B 34 -17.64 -1.05 -9.52
N ALA B 35 -18.57 -1.97 -9.27
CA ALA B 35 -19.26 -2.00 -7.99
C ALA B 35 -18.32 -2.41 -6.86
N LEU B 36 -18.42 -1.72 -5.74
CA LEU B 36 -17.58 -2.00 -4.59
C LEU B 36 -17.80 -3.44 -4.09
N THR B 37 -19.00 -3.94 -4.34
CA THR B 37 -19.37 -5.29 -3.95
C THR B 37 -18.56 -6.33 -4.73
N ASP B 38 -18.24 -6.02 -5.97
CA ASP B 38 -17.46 -6.92 -6.81
C ASP B 38 -16.02 -6.95 -6.33
N LEU B 39 -15.53 -5.80 -5.90
CA LEU B 39 -14.17 -5.69 -5.39
C LEU B 39 -14.05 -6.50 -4.11
N ILE B 40 -15.06 -6.42 -3.26
CA ILE B 40 -15.08 -7.17 -2.00
C ILE B 40 -15.17 -8.67 -2.29
N ALA B 41 -15.87 -9.02 -3.36
CA ALA B 41 -16.02 -10.42 -3.76
C ALA B 41 -14.64 -11.01 -4.07
N LEU B 42 -13.82 -10.25 -4.79
CA LEU B 42 -12.48 -10.69 -5.12
C LEU B 42 -11.62 -10.74 -3.86
N LEU B 43 -11.81 -9.75 -3.01
CA LEU B 43 -11.08 -9.64 -1.76
C LEU B 43 -11.38 -10.83 -0.84
N GLN B 44 -12.63 -11.24 -0.81
CA GLN B 44 -13.05 -12.36 0.04
C GLN B 44 -12.61 -13.69 -0.56
N ALA B 45 -12.49 -13.74 -1.87
CA ALA B 45 -12.10 -14.96 -2.56
C ALA B 45 -10.59 -15.17 -2.58
N ASP B 46 -9.85 -14.18 -3.08
CA ASP B 46 -8.40 -14.31 -3.17
C ASP B 46 -7.68 -13.86 -1.90
N CYS B 47 -7.92 -12.63 -1.47
CA CYS B 47 -7.26 -12.08 -0.28
C CYS B 47 -7.70 -12.80 1.00
N GLY B 48 -8.87 -13.41 0.95
CA GLY B 48 -9.38 -14.14 2.10
C GLY B 48 -10.08 -13.24 3.09
N PHE B 49 -10.65 -12.15 2.59
CA PHE B 49 -11.38 -11.21 3.44
C PHE B 49 -12.72 -11.82 3.85
N ASP B 50 -13.38 -11.18 4.81
CA ASP B 50 -14.66 -11.65 5.32
C ASP B 50 -15.38 -10.49 5.98
N LYS B 51 -16.71 -10.46 5.90
CA LYS B 51 -17.48 -9.37 6.50
C LYS B 51 -17.94 -9.74 7.91
N THR B 52 -17.43 -10.84 8.45
CA THR B 52 -17.80 -11.27 9.78
C THR B 52 -16.66 -11.06 10.78
N LYS B 53 -15.58 -11.82 10.60
CA LYS B 53 -14.43 -11.73 11.49
C LYS B 53 -13.24 -11.10 10.79
N HIS B 54 -13.46 -9.94 10.18
CA HIS B 54 -12.41 -9.22 9.48
C HIS B 54 -12.74 -7.74 9.41
N ASP B 55 -11.73 -6.90 9.35
CA ASP B 55 -11.94 -5.46 9.27
C ASP B 55 -11.15 -4.89 8.10
N LEU B 56 -11.76 -3.97 7.36
CA LEU B 56 -11.13 -3.36 6.21
C LEU B 56 -10.85 -1.88 6.47
N TYR B 57 -9.64 -1.46 6.15
CA TYR B 57 -9.24 -0.07 6.34
C TYR B 57 -8.77 0.53 5.03
N TYR B 58 -9.29 1.70 4.69
CA TYR B 58 -8.92 2.38 3.46
C TYR B 58 -8.05 3.58 3.79
N ASN B 59 -6.76 3.49 3.45
CA ASN B 59 -5.78 4.54 3.70
C ASN B 59 -5.57 4.74 5.20
N MET B 60 -6.52 5.42 5.83
CA MET B 60 -6.46 5.67 7.27
C MET B 60 -7.87 5.65 7.87
N ASP B 61 -8.84 5.26 7.06
CA ASP B 61 -10.24 5.23 7.52
C ASP B 61 -10.74 3.80 7.59
N ILE B 62 -11.86 3.60 8.26
CA ILE B 62 -12.45 2.26 8.42
C ILE B 62 -13.71 2.11 7.57
N LEU B 63 -13.87 0.94 6.97
CA LEU B 63 -15.04 0.65 6.14
C LEU B 63 -16.24 0.25 6.99
N ASP B 64 -16.99 1.25 7.43
CA ASP B 64 -18.17 1.02 8.26
C ASP B 64 -19.32 0.47 7.42
N SER B 65 -20.32 -0.11 8.07
CA SER B 65 -21.48 -0.67 7.37
C SER B 65 -22.24 0.42 6.62
N ASN B 66 -22.17 1.64 7.13
CA ASN B 66 -22.85 2.78 6.51
C ASN B 66 -22.06 3.32 5.33
N ARG B 67 -20.86 2.79 5.14
CA ARG B 67 -20.01 3.22 4.04
C ARG B 67 -20.45 2.56 2.74
N THR B 68 -21.68 2.86 2.33
CA THR B 68 -22.24 2.31 1.10
C THR B 68 -21.81 3.15 -0.10
N GLN B 69 -20.62 3.71 0.00
CA GLN B 69 -20.06 4.54 -1.05
C GLN B 69 -19.09 3.71 -1.88
N SER B 70 -19.30 3.65 -3.19
CA SER B 70 -18.44 2.88 -4.06
C SER B 70 -17.08 3.55 -4.25
N LEU B 71 -16.20 2.90 -5.00
CA LEU B 71 -14.84 3.41 -5.25
C LEU B 71 -14.83 4.90 -5.62
N LYS B 72 -15.62 5.26 -6.63
CA LYS B 72 -15.69 6.64 -7.12
C LYS B 72 -16.27 7.60 -6.08
N GLU B 73 -17.05 7.08 -5.15
CA GLU B 73 -17.66 7.90 -4.11
C GLU B 73 -16.71 8.09 -2.94
N LEU B 74 -15.90 7.07 -2.66
CA LEU B 74 -14.94 7.14 -1.58
C LEU B 74 -13.76 8.02 -1.97
N GLY B 75 -13.44 8.02 -3.26
CA GLY B 75 -12.33 8.82 -3.74
C GLY B 75 -11.14 7.96 -4.08
N LEU B 76 -11.38 6.65 -4.14
CA LEU B 76 -10.34 5.68 -4.45
C LEU B 76 -9.75 5.95 -5.82
N LYS B 77 -8.43 6.13 -5.87
CA LYS B 77 -7.76 6.40 -7.12
C LYS B 77 -6.79 5.29 -7.50
N THR B 78 -6.00 5.53 -8.54
CA THR B 78 -5.06 4.55 -9.04
C THR B 78 -3.77 4.45 -8.22
N ASP B 79 -3.72 5.07 -7.05
CA ASP B 79 -2.52 5.03 -6.22
C ASP B 79 -2.84 4.70 -4.77
N ASP B 80 -4.04 4.19 -4.54
CA ASP B 80 -4.46 3.86 -3.17
C ASP B 80 -3.99 2.47 -2.76
N LEU B 81 -4.46 2.02 -1.61
CA LEU B 81 -4.10 0.71 -1.07
C LEU B 81 -5.13 0.26 -0.03
N LEU B 82 -5.20 -1.04 0.19
CA LEU B 82 -6.15 -1.60 1.15
C LEU B 82 -5.42 -2.37 2.25
N LEU B 83 -5.81 -2.10 3.48
CA LEU B 83 -5.20 -2.77 4.63
C LEU B 83 -6.15 -3.81 5.19
N ILE B 84 -5.69 -5.05 5.25
CA ILE B 84 -6.51 -6.15 5.77
C ILE B 84 -6.11 -6.49 7.19
N ARG B 85 -7.00 -6.22 8.14
CA ARG B 85 -6.76 -6.51 9.55
C ARG B 85 -8.02 -7.08 10.19
N GLY B 86 -8.12 -6.98 11.51
CA GLY B 86 -9.30 -7.49 12.22
C GLY B 86 -9.05 -8.81 12.88
N LYS B 87 -10.00 -9.74 12.74
CA LYS B 87 -9.92 -11.08 13.30
C LYS B 87 -10.07 -11.08 14.82
N ILE B 88 -8.95 -11.18 15.53
CA ILE B 88 -8.98 -11.21 16.99
C ILE B 88 -8.08 -10.13 17.59
N SER B 89 -6.79 -10.35 17.50
CA SER B 89 -5.80 -9.44 18.04
C SER B 89 -5.62 -8.19 17.19
N ASN B 90 -6.65 -7.35 17.14
CA ASN B 90 -6.61 -6.11 16.37
C ASN B 90 -7.79 -5.21 16.72
N SER B 91 -8.97 -5.67 16.36
CA SER B 91 -10.20 -4.91 16.60
C SER B 91 -10.53 -4.83 18.09
N MET A 1 13.64 16.62 -7.72
CA MET A 1 12.18 16.44 -7.91
C MET A 1 11.53 15.97 -6.62
N GLN A 2 10.22 16.19 -6.51
CA GLN A 2 9.50 15.79 -5.31
C GLN A 2 8.64 14.56 -5.58
N ILE A 3 8.69 13.60 -4.67
CA ILE A 3 7.89 12.38 -4.79
C ILE A 3 7.12 12.16 -3.50
N PHE A 4 6.06 11.35 -3.56
CA PHE A 4 5.25 11.09 -2.39
C PHE A 4 5.29 9.61 -2.03
N VAL A 5 5.29 9.31 -0.75
CA VAL A 5 5.32 7.93 -0.30
C VAL A 5 4.14 7.67 0.65
N LYS A 6 3.34 6.68 0.31
CA LYS A 6 2.20 6.32 1.12
C LYS A 6 2.55 5.16 2.04
N THR A 7 2.38 5.36 3.34
CA THR A 7 2.68 4.32 4.32
C THR A 7 1.48 3.43 4.54
N LEU A 8 1.64 2.42 5.38
CA LEU A 8 0.57 1.50 5.70
C LEU A 8 -0.34 2.08 6.78
N THR A 9 -0.11 3.34 7.09
CA THR A 9 -0.88 4.05 8.09
C THR A 9 -1.66 5.20 7.46
N GLY A 10 -1.63 5.26 6.13
CA GLY A 10 -2.33 6.31 5.42
C GLY A 10 -1.58 7.63 5.42
N LYS A 11 -0.32 7.59 5.83
CA LYS A 11 0.50 8.79 5.88
C LYS A 11 1.16 9.03 4.54
N ILE A 13 4.47 11.05 3.07
CA ILE A 13 5.67 11.84 3.28
C ILE A 13 6.25 12.26 1.94
N THR A 14 6.70 13.50 1.87
CA THR A 14 7.29 14.02 0.65
C THR A 14 8.81 13.89 0.72
N LEU A 15 9.40 13.27 -0.28
CA LEU A 15 10.84 13.08 -0.29
C LEU A 15 11.47 13.78 -1.50
N GLU A 16 12.53 14.53 -1.24
CA GLU A 16 13.23 15.21 -2.29
C GLU A 16 14.29 14.30 -2.86
N VAL A 17 14.10 13.89 -4.09
CA VAL A 17 15.03 12.99 -4.77
C VAL A 17 15.30 13.49 -6.17
N GLU A 18 16.09 12.74 -6.92
CA GLU A 18 16.44 13.09 -8.28
C GLU A 18 16.48 11.81 -9.12
N PRO A 19 16.40 11.92 -10.47
CA PRO A 19 16.43 10.74 -11.35
C PRO A 19 17.62 9.82 -11.09
N SER A 20 18.77 10.41 -10.80
CA SER A 20 20.00 9.65 -10.55
C SER A 20 20.10 9.19 -9.09
N ASP A 21 19.03 9.34 -8.32
CA ASP A 21 19.05 8.93 -6.93
C ASP A 21 18.81 7.43 -6.81
N THR A 22 19.61 6.78 -5.99
CA THR A 22 19.51 5.35 -5.80
C THR A 22 18.30 5.00 -4.93
N ILE A 23 17.66 3.88 -5.22
CA ILE A 23 16.50 3.45 -4.44
C ILE A 23 16.91 3.26 -2.99
N GLU A 24 18.15 2.83 -2.79
CA GLU A 24 18.70 2.63 -1.45
C GLU A 24 18.66 3.93 -0.67
N ASN A 25 18.95 5.04 -1.36
CA ASN A 25 18.94 6.37 -0.74
C ASN A 25 17.54 6.73 -0.31
N VAL A 26 16.56 6.36 -1.14
CA VAL A 26 15.17 6.63 -0.86
C VAL A 26 14.76 5.91 0.43
N LYS A 27 15.19 4.65 0.55
CA LYS A 27 14.91 3.85 1.73
C LYS A 27 15.52 4.50 2.96
N ALA A 28 16.73 5.01 2.80
CA ALA A 28 17.43 5.68 3.88
C ALA A 28 16.73 6.98 4.28
N LYS A 29 16.22 7.68 3.28
CA LYS A 29 15.51 8.93 3.51
C LYS A 29 14.24 8.67 4.33
N ILE A 30 13.59 7.56 4.05
CA ILE A 30 12.39 7.19 4.81
C ILE A 30 12.80 6.76 6.21
N GLN A 31 13.97 6.13 6.30
CA GLN A 31 14.51 5.68 7.57
C GLN A 31 14.87 6.89 8.44
N ASP A 32 15.33 7.95 7.79
CA ASP A 32 15.71 9.19 8.46
C ASP A 32 14.49 9.93 8.99
N LYS A 33 13.37 9.82 8.29
CA LYS A 33 12.15 10.51 8.68
C LYS A 33 11.25 9.65 9.57
N GLU A 34 10.90 8.46 9.10
CA GLU A 34 10.02 7.56 9.85
C GLU A 34 10.77 6.74 10.90
N GLY A 35 12.01 6.38 10.59
CA GLY A 35 12.80 5.61 11.53
C GLY A 35 12.72 4.12 11.26
N ILE A 36 12.15 3.76 10.12
CA ILE A 36 12.00 2.36 9.73
C ILE A 36 13.24 1.88 8.98
N PRO A 37 13.88 0.79 9.43
CA PRO A 37 15.06 0.24 8.77
C PRO A 37 14.78 -0.20 7.33
N PRO A 38 15.68 0.16 6.39
CA PRO A 38 15.53 -0.19 4.96
C PRO A 38 15.33 -1.69 4.72
N ASP A 39 15.88 -2.51 5.61
CA ASP A 39 15.78 -3.96 5.50
C ASP A 39 14.34 -4.42 5.72
N GLN A 40 13.53 -3.57 6.34
CA GLN A 40 12.13 -3.90 6.62
C GLN A 40 11.21 -3.03 5.75
N GLN A 41 11.74 -2.51 4.66
CA GLN A 41 10.97 -1.66 3.77
C GLN A 41 10.88 -2.23 2.37
N ARG A 42 9.65 -2.33 1.86
CA ARG A 42 9.40 -2.82 0.51
C ARG A 42 8.70 -1.72 -0.28
N LEU A 43 9.33 -1.26 -1.34
CA LEU A 43 8.76 -0.19 -2.15
C LEU A 43 8.13 -0.73 -3.43
N ILE A 44 6.83 -0.56 -3.53
CA ILE A 44 6.08 -1.00 -4.70
C ILE A 44 5.62 0.21 -5.52
N PHE A 45 5.95 0.21 -6.79
CA PHE A 45 5.56 1.28 -7.69
C PHE A 45 4.88 0.70 -8.92
N ALA A 46 3.56 0.88 -9.00
CA ALA A 46 2.78 0.37 -10.12
C ALA A 46 2.83 -1.16 -10.17
N GLY A 47 3.00 -1.76 -8.99
CA GLY A 47 3.07 -3.21 -8.89
C GLY A 47 4.48 -3.73 -9.02
N LYS A 48 5.42 -2.84 -9.33
CA LYS A 48 6.81 -3.23 -9.49
C LYS A 48 7.59 -2.98 -8.22
N GLN A 49 8.36 -3.97 -7.79
CA GLN A 49 9.18 -3.84 -6.61
C GLN A 49 10.54 -3.26 -6.99
N LEU A 50 10.92 -2.17 -6.33
CA LEU A 50 12.18 -1.52 -6.63
C LEU A 50 13.33 -2.09 -5.79
N GLU A 51 14.47 -2.30 -6.43
CA GLU A 51 15.65 -2.82 -5.75
C GLU A 51 16.55 -1.67 -5.31
N ASP A 52 17.15 -1.82 -4.13
CA ASP A 52 18.03 -0.78 -3.57
C ASP A 52 19.18 -0.42 -4.50
N GLY A 53 19.71 -1.42 -5.20
CA GLY A 53 20.83 -1.19 -6.09
C GLY A 53 20.43 -0.62 -7.45
N ARG A 54 19.26 -0.01 -7.53
CA ARG A 54 18.79 0.57 -8.78
C ARG A 54 18.53 2.05 -8.59
N THR A 55 18.33 2.76 -9.68
CA THR A 55 18.06 4.18 -9.64
C THR A 55 16.60 4.45 -10.00
N LEU A 56 16.11 5.64 -9.67
CA LEU A 56 14.73 6.00 -9.97
C LEU A 56 14.47 6.02 -11.48
N SER A 57 15.50 6.37 -12.24
CA SER A 57 15.38 6.41 -13.70
C SER A 57 15.20 5.02 -14.29
N ASP A 58 15.64 3.99 -13.56
CA ASP A 58 15.54 2.61 -14.02
C ASP A 58 14.08 2.19 -14.18
N TYR A 59 13.23 2.67 -13.29
CA TYR A 59 11.82 2.33 -13.33
C TYR A 59 11.01 3.47 -13.94
N ASN A 60 11.73 4.42 -14.54
CA ASN A 60 11.13 5.58 -15.20
C ASN A 60 10.29 6.40 -14.22
N ILE A 61 10.75 6.48 -12.98
CA ILE A 61 10.05 7.24 -11.96
C ILE A 61 10.34 8.72 -12.10
N GLN A 62 9.34 9.47 -12.50
CA GLN A 62 9.47 10.92 -12.68
C GLN A 62 8.96 11.67 -11.46
N LYS A 63 8.85 12.97 -11.58
CA LYS A 63 8.38 13.81 -10.49
C LYS A 63 6.89 13.62 -10.22
N GLU A 64 6.46 13.97 -9.01
CA GLU A 64 5.07 13.87 -8.59
C GLU A 64 4.56 12.44 -8.62
N SER A 65 5.45 11.49 -8.40
CA SER A 65 5.08 10.09 -8.38
C SER A 65 4.83 9.63 -6.95
N THR A 66 3.79 8.84 -6.75
CA THR A 66 3.46 8.33 -5.43
C THR A 66 3.82 6.85 -5.32
N LEU A 67 4.69 6.54 -4.37
CA LEU A 67 5.14 5.16 -4.17
C LEU A 67 4.35 4.48 -3.06
N HIS A 68 4.30 3.15 -3.12
CA HIS A 68 3.60 2.36 -2.11
C HIS A 68 4.62 1.75 -1.16
N LEU A 69 4.63 2.18 0.09
CA LEU A 69 5.56 1.67 1.07
C LEU A 69 4.96 0.50 1.85
N VAL A 70 5.55 -0.66 1.70
CA VAL A 70 5.11 -1.87 2.39
C VAL A 70 6.12 -2.22 3.48
N LEU A 71 5.63 -2.64 4.63
CA LEU A 71 6.51 -3.00 5.74
C LEU A 71 6.78 -4.49 5.78
N ARG A 72 7.81 -4.88 6.52
CA ARG A 72 8.19 -6.28 6.66
C ARG A 72 7.89 -6.76 8.07
N LEU A 73 6.61 -7.06 8.31
CA LEU A 73 6.19 -7.53 9.62
C LEU A 73 6.18 -9.05 9.70
N ARG A 74 6.38 -9.57 10.90
CA ARG A 74 6.42 -11.01 11.11
C ARG A 74 5.01 -11.56 11.31
N GLY A 75 4.11 -10.71 11.79
CA GLY A 75 2.74 -11.13 12.01
C GLY A 75 1.98 -10.17 12.89
N GLY A 76 0.77 -10.57 13.27
CA GLY A 76 -0.07 -9.76 14.12
C GLY A 76 -1.18 -10.57 14.74
N ASP B 13 -3.34 0.75 -9.57
CA ASP B 13 -2.59 -0.03 -8.56
C ASP B 13 -3.31 0.01 -7.22
N LEU B 14 -3.47 -1.15 -6.60
CA LEU B 14 -4.13 -1.25 -5.30
C LEU B 14 -3.40 -2.30 -4.47
N THR B 15 -2.49 -1.83 -3.64
CA THR B 15 -1.72 -2.71 -2.81
C THR B 15 -2.46 -3.05 -1.52
N ILE B 16 -2.59 -4.36 -1.25
CA ILE B 16 -3.26 -4.83 -0.06
C ILE B 16 -2.27 -5.59 0.79
N SER B 17 -2.21 -5.26 2.08
CA SER B 17 -1.28 -5.91 2.98
C SER B 17 -2.00 -6.69 4.08
N ASN B 18 -1.60 -7.94 4.26
CA ASN B 18 -2.17 -8.79 5.29
C ASN B 18 -1.20 -8.81 6.48
N GLU B 19 -1.42 -7.89 7.41
CA GLU B 19 -0.57 -7.74 8.59
C GLU B 19 -0.85 -8.83 9.63
N LEU B 20 -1.61 -9.84 9.25
CA LEU B 20 -1.93 -10.94 10.16
C LEU B 20 -1.06 -12.15 9.83
N THR B 21 -1.27 -12.73 8.66
CA THR B 21 -0.50 -13.89 8.23
C THR B 21 0.84 -13.46 7.64
N GLY B 22 0.92 -12.21 7.19
CA GLY B 22 2.14 -11.70 6.62
C GLY B 22 2.20 -11.91 5.12
N GLU B 23 1.06 -11.82 4.46
CA GLU B 23 0.99 -12.01 3.02
C GLU B 23 0.94 -10.67 2.31
N ILE B 24 1.80 -10.49 1.33
CA ILE B 24 1.85 -9.26 0.56
C ILE B 24 1.25 -9.48 -0.82
N TYR B 25 0.21 -8.74 -1.14
CA TYR B 25 -0.46 -8.86 -2.43
C TYR B 25 0.07 -7.79 -3.38
N GLY B 26 0.11 -8.09 -4.66
CA GLY B 26 0.64 -7.15 -5.64
C GLY B 26 -0.35 -6.10 -6.08
N PRO B 27 -0.26 -5.66 -7.34
CA PRO B 27 -1.11 -4.60 -7.90
C PRO B 27 -2.49 -5.09 -8.34
N ILE B 28 -3.43 -5.14 -7.40
CA ILE B 28 -4.79 -5.56 -7.72
C ILE B 28 -5.51 -4.39 -8.38
N GLU B 29 -5.51 -4.37 -9.70
CA GLU B 29 -6.13 -3.28 -10.44
C GLU B 29 -7.64 -3.27 -10.25
N VAL B 30 -8.15 -2.08 -9.98
CA VAL B 30 -9.57 -1.87 -9.78
C VAL B 30 -10.08 -0.68 -10.59
N SER B 31 -11.27 -0.81 -11.13
CA SER B 31 -11.87 0.26 -11.91
C SER B 31 -12.83 1.04 -11.02
N GLU B 32 -13.04 2.31 -11.33
CA GLU B 32 -13.95 3.14 -10.55
C GLU B 32 -15.39 2.71 -10.80
N ASP B 33 -15.60 1.94 -11.86
CA ASP B 33 -16.93 1.44 -12.20
C ASP B 33 -17.12 0.04 -11.66
N MET B 34 -16.10 -0.46 -10.97
CA MET B 34 -16.14 -1.79 -10.39
C MET B 34 -16.86 -1.73 -9.05
N ALA B 35 -17.77 -2.67 -8.84
CA ALA B 35 -18.54 -2.73 -7.60
C ALA B 35 -17.62 -3.02 -6.42
N LEU B 36 -17.88 -2.36 -5.29
CA LEU B 36 -17.07 -2.58 -4.10
C LEU B 36 -17.25 -4.01 -3.61
N THR B 37 -18.45 -4.54 -3.82
CA THR B 37 -18.79 -5.89 -3.42
C THR B 37 -17.92 -6.90 -4.18
N ASP B 38 -17.64 -6.57 -5.44
CA ASP B 38 -16.81 -7.42 -6.28
C ASP B 38 -15.41 -7.53 -5.69
N LEU B 39 -14.86 -6.38 -5.30
CA LEU B 39 -13.54 -6.33 -4.69
C LEU B 39 -13.54 -7.08 -3.36
N ILE B 40 -14.58 -6.87 -2.56
CA ILE B 40 -14.70 -7.54 -1.27
C ILE B 40 -14.76 -9.06 -1.46
N ALA B 41 -15.48 -9.48 -2.49
CA ALA B 41 -15.62 -10.90 -2.79
C ALA B 41 -14.25 -11.52 -3.07
N LEU B 42 -13.48 -10.87 -3.92
CA LEU B 42 -12.14 -11.33 -4.27
C LEU B 42 -11.26 -11.29 -3.05
N LEU B 43 -11.45 -10.26 -2.23
CA LEU B 43 -10.68 -10.08 -1.00
C LEU B 43 -10.96 -11.20 -0.01
N GLN B 44 -12.20 -11.67 0.01
CA GLN B 44 -12.61 -12.74 0.91
C GLN B 44 -12.13 -14.10 0.41
N ALA B 45 -11.76 -14.17 -0.86
CA ALA B 45 -11.30 -15.41 -1.46
C ALA B 45 -9.77 -15.46 -1.54
N ASP B 46 -9.18 -14.42 -2.12
CA ASP B 46 -7.72 -14.36 -2.28
C ASP B 46 -7.03 -14.10 -0.95
N CYS B 47 -7.27 -12.92 -0.41
CA CYS B 47 -6.66 -12.52 0.86
C CYS B 47 -7.19 -13.35 2.02
N GLY B 48 -8.46 -13.68 1.97
CA GLY B 48 -9.06 -14.46 3.03
C GLY B 48 -9.82 -13.59 4.01
N PHE B 49 -10.34 -12.48 3.49
CA PHE B 49 -11.11 -11.55 4.31
C PHE B 49 -12.49 -12.15 4.61
N ASP B 50 -13.18 -11.59 5.58
CA ASP B 50 -14.51 -12.05 5.96
C ASP B 50 -15.26 -10.91 6.63
N LYS B 51 -16.50 -10.69 6.22
CA LYS B 51 -17.30 -9.59 6.77
C LYS B 51 -17.85 -9.89 8.16
N THR B 52 -17.62 -11.09 8.67
CA THR B 52 -18.12 -11.44 9.99
C THR B 52 -17.02 -11.50 11.05
N LYS B 53 -15.79 -11.81 10.65
CA LYS B 53 -14.70 -11.90 11.62
C LYS B 53 -13.39 -11.30 11.11
N HIS B 54 -13.47 -10.12 10.51
CA HIS B 54 -12.29 -9.43 10.00
C HIS B 54 -12.57 -7.94 9.91
N ASP B 55 -11.54 -7.12 10.10
CA ASP B 55 -11.70 -5.68 10.04
C ASP B 55 -10.98 -5.12 8.81
N LEU B 56 -11.73 -4.41 7.97
CA LEU B 56 -11.16 -3.82 6.78
C LEU B 56 -10.78 -2.37 7.03
N TYR B 57 -9.52 -2.05 6.80
CA TYR B 57 -9.02 -0.70 7.00
C TYR B 57 -8.80 0.02 5.69
N TYR B 58 -9.47 1.16 5.53
CA TYR B 58 -9.35 1.98 4.35
C TYR B 58 -8.49 3.19 4.70
N ASN B 59 -7.19 3.08 4.43
CA ASN B 59 -6.22 4.14 4.72
C ASN B 59 -6.13 4.42 6.22
N MET B 60 -7.05 5.21 6.75
CA MET B 60 -7.07 5.56 8.16
C MET B 60 -8.47 5.42 8.75
N ASP B 61 -9.38 4.86 7.99
CA ASP B 61 -10.76 4.68 8.44
C ASP B 61 -11.19 3.23 8.36
N ILE B 62 -12.04 2.80 9.28
CA ILE B 62 -12.53 1.43 9.31
C ILE B 62 -13.81 1.31 8.49
N LEU B 63 -13.86 0.30 7.63
CA LEU B 63 -15.02 0.08 6.77
C LEU B 63 -16.24 -0.32 7.61
N ASP B 64 -17.11 0.64 7.83
CA ASP B 64 -18.33 0.42 8.60
C ASP B 64 -19.48 0.03 7.68
N SER B 65 -20.55 -0.52 8.26
CA SER B 65 -21.72 -0.96 7.51
C SER B 65 -22.43 0.22 6.84
N ASN B 66 -22.26 1.42 7.38
CA ASN B 66 -22.89 2.60 6.80
C ASN B 66 -22.14 3.07 5.55
N ARG B 67 -20.91 2.63 5.42
CA ARG B 67 -20.09 3.00 4.26
C ARG B 67 -20.46 2.12 3.07
N THR B 68 -21.57 2.46 2.42
CA THR B 68 -22.06 1.71 1.27
C THR B 68 -21.58 2.38 -0.03
N GLN B 69 -20.57 3.22 0.10
CA GLN B 69 -20.01 3.92 -1.05
C GLN B 69 -19.17 2.97 -1.90
N SER B 70 -19.31 3.08 -3.21
CA SER B 70 -18.55 2.24 -4.13
C SER B 70 -17.12 2.75 -4.21
N LEU B 71 -16.28 2.09 -4.99
CA LEU B 71 -14.88 2.47 -5.12
C LEU B 71 -14.71 3.95 -5.51
N LYS B 72 -15.50 4.40 -6.49
CA LYS B 72 -15.41 5.79 -6.96
C LYS B 72 -15.88 6.78 -5.89
N GLU B 73 -16.80 6.35 -5.02
CA GLU B 73 -17.31 7.24 -3.97
C GLU B 73 -16.41 7.18 -2.74
N LEU B 74 -15.88 6.00 -2.46
CA LEU B 74 -14.98 5.80 -1.32
C LEU B 74 -13.74 6.68 -1.47
N GLY B 75 -13.33 6.89 -2.72
CA GLY B 75 -12.18 7.71 -2.99
C GLY B 75 -10.93 6.90 -3.28
N LEU B 76 -11.07 5.92 -4.16
CA LEU B 76 -9.94 5.09 -4.55
C LEU B 76 -9.49 5.47 -5.95
N LYS B 77 -8.18 5.53 -6.17
CA LYS B 77 -7.65 5.90 -7.47
C LYS B 77 -6.46 5.02 -7.87
N THR B 78 -5.43 4.97 -7.02
CA THR B 78 -4.22 4.20 -7.31
C THR B 78 -3.16 4.36 -6.21
N ASP B 79 -3.08 5.55 -5.63
CA ASP B 79 -2.09 5.80 -4.58
C ASP B 79 -2.61 5.37 -3.21
N ASP B 80 -3.79 4.78 -3.21
CA ASP B 80 -4.44 4.28 -2.00
C ASP B 80 -4.04 2.84 -1.75
N LEU B 81 -4.55 2.27 -0.66
CA LEU B 81 -4.24 0.89 -0.30
C LEU B 81 -5.31 0.31 0.61
N LEU B 82 -5.21 -0.99 0.86
CA LEU B 82 -6.15 -1.68 1.73
C LEU B 82 -5.39 -2.50 2.75
N LEU B 83 -5.84 -2.46 4.00
CA LEU B 83 -5.18 -3.20 5.07
C LEU B 83 -6.14 -4.12 5.79
N ILE B 84 -5.69 -5.35 6.04
CA ILE B 84 -6.49 -6.34 6.74
C ILE B 84 -5.98 -6.50 8.16
N ARG B 85 -6.79 -6.07 9.13
CA ARG B 85 -6.42 -6.16 10.53
C ARG B 85 -7.57 -6.76 11.34
N GLY B 86 -7.50 -6.60 12.65
CA GLY B 86 -8.54 -7.12 13.51
C GLY B 86 -8.12 -8.38 14.24
N LYS B 87 -8.90 -9.43 14.06
CA LYS B 87 -8.65 -10.73 14.69
C LYS B 87 -8.82 -10.64 16.21
N ILE B 88 -7.72 -10.50 16.93
CA ILE B 88 -7.78 -10.41 18.38
C ILE B 88 -6.92 -9.24 18.89
N SER B 89 -5.67 -9.22 18.47
CA SER B 89 -4.74 -8.17 18.89
C SER B 89 -4.90 -6.92 18.02
N ASN B 90 -6.09 -6.32 18.05
CA ASN B 90 -6.36 -5.11 17.27
C ASN B 90 -7.71 -4.52 17.67
N SER B 91 -8.77 -5.23 17.35
CA SER B 91 -10.12 -4.76 17.65
C SER B 91 -10.65 -5.43 18.92
N MET A 1 14.17 15.83 -9.07
CA MET A 1 12.69 15.75 -9.09
C MET A 1 12.17 15.43 -7.69
N GLN A 2 10.87 15.63 -7.49
CA GLN A 2 10.24 15.36 -6.21
C GLN A 2 9.30 14.17 -6.31
N ILE A 3 9.37 13.28 -5.34
CA ILE A 3 8.49 12.12 -5.31
C ILE A 3 7.71 12.10 -4.00
N PHE A 4 6.56 11.43 -4.01
CA PHE A 4 5.73 11.34 -2.83
C PHE A 4 5.70 9.92 -2.29
N VAL A 5 5.79 9.79 -0.98
CA VAL A 5 5.78 8.49 -0.33
C VAL A 5 4.54 8.35 0.55
N LYS A 6 3.75 7.32 0.28
CA LYS A 6 2.54 7.05 1.04
C LYS A 6 2.79 5.97 2.08
N THR A 7 2.66 6.31 3.35
CA THR A 7 2.87 5.36 4.42
C THR A 7 1.57 4.61 4.74
N LEU A 8 1.66 3.61 5.61
CA LEU A 8 0.50 2.83 6.01
C LEU A 8 -0.41 3.62 6.96
N THR A 9 0.01 4.85 7.26
CA THR A 9 -0.74 5.72 8.13
C THR A 9 -1.38 6.86 7.34
N GLY A 10 -1.29 6.77 6.02
CA GLY A 10 -1.86 7.78 5.16
C GLY A 10 -1.05 9.06 5.17
N LYS A 11 0.18 8.97 5.65
CA LYS A 11 1.07 10.12 5.71
C LYS A 11 1.89 10.20 4.43
N ILE A 13 4.65 12.04 2.35
CA ILE A 13 5.78 12.97 2.44
C ILE A 13 6.41 13.16 1.06
N THR A 14 7.23 14.19 0.93
CA THR A 14 7.91 14.47 -0.34
C THR A 14 9.41 14.32 -0.18
N LEU A 15 10.04 13.70 -1.17
CA LEU A 15 11.48 13.50 -1.15
C LEU A 15 12.09 13.92 -2.49
N GLU A 16 13.22 14.59 -2.44
CA GLU A 16 13.91 15.02 -3.64
C GLU A 16 14.90 13.95 -4.09
N VAL A 17 14.71 13.47 -5.31
CA VAL A 17 15.57 12.43 -5.87
C VAL A 17 15.82 12.71 -7.34
N GLU A 18 16.79 12.01 -7.90
CA GLU A 18 17.12 12.14 -9.31
C GLU A 18 16.90 10.80 -9.99
N PRO A 19 16.69 10.78 -11.32
CA PRO A 19 16.49 9.53 -12.07
C PRO A 19 17.63 8.53 -11.90
N SER A 20 18.80 9.03 -11.54
CA SER A 20 19.97 8.18 -11.34
C SER A 20 20.06 7.65 -9.91
N ASP A 21 19.13 8.06 -9.05
CA ASP A 21 19.12 7.62 -7.66
C ASP A 21 18.62 6.18 -7.58
N THR A 22 19.31 5.37 -6.79
CA THR A 22 18.94 3.99 -6.60
C THR A 22 17.82 3.87 -5.57
N ILE A 23 17.11 2.76 -5.59
CA ILE A 23 16.02 2.54 -4.63
C ILE A 23 16.59 2.52 -3.21
N GLU A 24 17.78 1.93 -3.06
CA GLU A 24 18.44 1.86 -1.77
C GLU A 24 18.77 3.27 -1.28
N ASN A 25 19.14 4.12 -2.22
CA ASN A 25 19.48 5.51 -1.93
C ASN A 25 18.27 6.24 -1.38
N VAL A 26 17.10 5.94 -1.94
CA VAL A 26 15.86 6.55 -1.49
C VAL A 26 15.51 6.07 -0.08
N LYS A 27 15.78 4.80 0.19
CA LYS A 27 15.52 4.22 1.50
C LYS A 27 16.33 4.94 2.57
N ALA A 28 17.55 5.32 2.22
CA ALA A 28 18.44 6.03 3.13
C ALA A 28 17.83 7.39 3.48
N LYS A 29 17.17 8.00 2.50
CA LYS A 29 16.53 9.30 2.70
C LYS A 29 15.31 9.14 3.60
N ILE A 30 14.58 8.05 3.41
CA ILE A 30 13.41 7.77 4.22
C ILE A 30 13.84 7.48 5.66
N GLN A 31 14.95 6.74 5.79
CA GLN A 31 15.48 6.39 7.10
C GLN A 31 16.01 7.65 7.80
N ASP A 32 16.44 8.63 7.02
CA ASP A 32 16.96 9.86 7.59
C ASP A 32 15.86 10.68 8.25
N LYS A 33 14.70 10.75 7.59
CA LYS A 33 13.57 11.52 8.11
C LYS A 33 12.71 10.68 9.07
N GLU A 34 12.23 9.54 8.59
CA GLU A 34 11.36 8.66 9.38
C GLU A 34 12.16 7.91 10.45
N GLY A 35 13.34 7.45 10.10
CA GLY A 35 14.17 6.73 11.04
C GLY A 35 13.97 5.23 10.98
N ILE A 36 13.20 4.78 9.99
CA ILE A 36 12.92 3.37 9.81
C ILE A 36 14.01 2.68 8.99
N PRO A 37 14.57 1.56 9.48
CA PRO A 37 15.62 0.82 8.80
C PRO A 37 15.21 0.38 7.39
N PRO A 38 16.12 0.52 6.40
CA PRO A 38 15.85 0.13 5.00
C PRO A 38 15.46 -1.34 4.87
N ASP A 39 15.89 -2.14 5.83
CA ASP A 39 15.58 -3.57 5.85
C ASP A 39 14.10 -3.80 6.09
N GLN A 40 13.47 -2.85 6.76
CA GLN A 40 12.04 -2.95 7.07
C GLN A 40 11.22 -2.09 6.11
N GLN A 41 11.87 -1.56 5.09
CA GLN A 41 11.21 -0.71 4.12
C GLN A 41 10.87 -1.47 2.84
N ARG A 42 9.62 -1.38 2.43
CA ARG A 42 9.17 -2.02 1.21
C ARG A 42 8.45 -1.00 0.33
N LEU A 43 9.13 -0.58 -0.73
CA LEU A 43 8.58 0.41 -1.65
C LEU A 43 7.93 -0.27 -2.85
N ILE A 44 6.65 0.02 -3.05
CA ILE A 44 5.89 -0.55 -4.16
C ILE A 44 5.20 0.54 -4.96
N PHE A 45 5.46 0.57 -6.25
CA PHE A 45 4.87 1.57 -7.14
C PHE A 45 3.95 0.90 -8.15
N ALA A 46 2.64 1.18 -8.03
CA ALA A 46 1.62 0.62 -8.92
C ALA A 46 1.70 -0.90 -9.00
N GLY A 47 1.66 -1.55 -7.85
CA GLY A 47 1.71 -3.00 -7.79
C GLY A 47 3.10 -3.57 -8.08
N LYS A 48 4.03 -2.74 -8.50
CA LYS A 48 5.38 -3.18 -8.82
C LYS A 48 6.30 -2.99 -7.62
N GLN A 49 6.87 -4.08 -7.14
CA GLN A 49 7.79 -4.04 -6.01
C GLN A 49 9.17 -3.61 -6.46
N LEU A 50 9.68 -2.53 -5.88
CA LEU A 50 10.99 -2.01 -6.25
C LEU A 50 12.12 -2.71 -5.49
N GLU A 51 13.13 -3.14 -6.23
CA GLU A 51 14.29 -3.81 -5.63
C GLU A 51 15.33 -2.78 -5.25
N ASP A 52 16.15 -3.10 -4.26
CA ASP A 52 17.18 -2.19 -3.76
C ASP A 52 18.23 -1.92 -4.83
N GLY A 53 18.65 -2.98 -5.51
CA GLY A 53 19.67 -2.86 -6.54
C GLY A 53 19.10 -2.40 -7.87
N ARG A 54 18.23 -1.39 -7.83
CA ARG A 54 17.61 -0.85 -9.03
C ARG A 54 17.50 0.66 -8.90
N THR A 55 17.30 1.33 -10.02
CA THR A 55 17.18 2.79 -10.02
C THR A 55 15.73 3.19 -10.24
N LEU A 56 15.41 4.43 -9.90
CA LEU A 56 14.05 4.96 -10.07
C LEU A 56 13.64 4.97 -11.53
N SER A 57 14.60 5.17 -12.41
CA SER A 57 14.33 5.22 -13.84
C SER A 57 14.01 3.83 -14.40
N ASP A 58 14.44 2.79 -13.69
CA ASP A 58 14.19 1.41 -14.13
C ASP A 58 12.71 1.07 -14.07
N TYR A 59 12.00 1.72 -13.15
CA TYR A 59 10.58 1.47 -12.98
C TYR A 59 9.74 2.58 -13.60
N ASN A 60 10.38 3.38 -14.46
CA ASN A 60 9.72 4.49 -15.15
C ASN A 60 9.16 5.52 -14.17
N ILE A 61 9.81 5.65 -13.02
CA ILE A 61 9.36 6.60 -12.02
C ILE A 61 9.76 8.02 -12.41
N GLN A 62 8.76 8.89 -12.46
CA GLN A 62 8.97 10.29 -12.82
C GLN A 62 8.69 11.18 -11.62
N LYS A 63 8.48 12.47 -11.87
CA LYS A 63 8.19 13.40 -10.79
C LYS A 63 6.72 13.33 -10.41
N GLU A 64 6.42 13.73 -9.17
CA GLU A 64 5.05 13.73 -8.64
C GLU A 64 4.49 12.31 -8.57
N SER A 65 5.38 11.33 -8.47
CA SER A 65 4.97 9.93 -8.39
C SER A 65 4.64 9.55 -6.95
N THR A 66 3.65 8.67 -6.78
CA THR A 66 3.24 8.24 -5.45
C THR A 66 3.68 6.81 -5.16
N LEU A 67 4.68 6.68 -4.29
CA LEU A 67 5.20 5.37 -3.91
C LEU A 67 4.49 4.88 -2.66
N HIS A 68 4.34 3.58 -2.53
CA HIS A 68 3.70 2.98 -1.36
C HIS A 68 4.77 2.36 -0.48
N LEU A 69 4.79 2.75 0.80
CA LEU A 69 5.79 2.22 1.73
C LEU A 69 5.15 1.27 2.74
N VAL A 70 5.54 0.01 2.65
CA VAL A 70 5.06 -1.01 3.56
C VAL A 70 6.18 -1.42 4.50
N LEU A 71 5.84 -1.73 5.75
CA LEU A 71 6.84 -2.11 6.73
C LEU A 71 6.93 -3.63 6.88
N ARG A 72 7.96 -4.09 7.57
CA ARG A 72 8.15 -5.51 7.80
C ARG A 72 7.71 -5.89 9.21
N LEU A 73 6.46 -6.33 9.33
CA LEU A 73 5.91 -6.73 10.61
C LEU A 73 6.40 -8.13 10.98
N ARG A 74 6.96 -8.25 12.18
CA ARG A 74 7.44 -9.54 12.64
C ARG A 74 6.58 -10.06 13.77
N GLY A 75 5.70 -11.01 13.44
CA GLY A 75 4.83 -11.58 14.43
C GLY A 75 5.09 -13.07 14.62
N GLY A 76 4.12 -13.77 15.16
CA GLY A 76 4.26 -15.19 15.38
C GLY A 76 2.99 -15.80 15.94
N ASP B 13 -5.17 1.44 -9.89
CA ASP B 13 -4.25 0.38 -9.42
C ASP B 13 -4.38 0.22 -7.92
N LEU B 14 -5.12 -0.78 -7.50
CA LEU B 14 -5.33 -1.02 -6.09
C LEU B 14 -4.18 -1.84 -5.52
N THR B 15 -3.13 -1.16 -5.10
CA THR B 15 -1.96 -1.83 -4.52
C THR B 15 -2.32 -2.37 -3.14
N ILE B 16 -2.64 -3.65 -3.09
CA ILE B 16 -3.00 -4.30 -1.84
C ILE B 16 -1.81 -5.02 -1.23
N SER B 17 -1.67 -4.93 0.08
CA SER B 17 -0.57 -5.58 0.78
C SER B 17 -1.07 -6.17 2.10
N ASN B 18 -0.49 -7.29 2.50
CA ASN B 18 -0.88 -7.95 3.74
C ASN B 18 0.31 -8.04 4.69
N GLU B 19 0.12 -7.65 5.94
CA GLU B 19 1.18 -7.66 6.94
C GLU B 19 1.13 -8.91 7.81
N LEU B 20 0.11 -9.73 7.63
CA LEU B 20 -0.03 -10.96 8.42
C LEU B 20 1.12 -11.91 8.14
N THR B 21 1.44 -12.10 6.87
CA THR B 21 2.53 -12.98 6.49
C THR B 21 3.63 -12.16 5.82
N GLY B 22 3.27 -10.99 5.32
CA GLY B 22 4.23 -10.13 4.65
C GLY B 22 4.26 -10.37 3.17
N GLU B 23 3.09 -10.55 2.57
CA GLU B 23 2.99 -10.80 1.15
C GLU B 23 2.50 -9.55 0.41
N ILE B 24 3.20 -9.19 -0.65
CA ILE B 24 2.84 -8.04 -1.46
C ILE B 24 2.25 -8.52 -2.78
N TYR B 25 1.01 -8.13 -3.04
CA TYR B 25 0.32 -8.56 -4.26
C TYR B 25 0.69 -7.64 -5.43
N GLY B 26 0.46 -8.12 -6.65
CA GLY B 26 0.78 -7.35 -7.83
C GLY B 26 -0.24 -6.28 -8.16
N PRO B 27 -0.04 -5.57 -9.28
CA PRO B 27 -0.94 -4.50 -9.74
C PRO B 27 -2.35 -5.00 -10.02
N ILE B 28 -3.31 -4.52 -9.26
CA ILE B 28 -4.70 -4.89 -9.42
C ILE B 28 -5.47 -3.77 -10.10
N GLU B 29 -5.77 -3.97 -11.38
CA GLU B 29 -6.48 -2.98 -12.17
C GLU B 29 -7.98 -3.06 -11.90
N VAL B 30 -8.54 -1.98 -11.40
CA VAL B 30 -9.95 -1.91 -11.11
C VAL B 30 -10.64 -0.94 -12.07
N SER B 31 -11.95 -0.87 -11.99
CA SER B 31 -12.70 0.02 -12.86
C SER B 31 -13.66 0.85 -12.02
N GLU B 32 -13.98 2.04 -12.51
CA GLU B 32 -14.91 2.90 -11.80
C GLU B 32 -16.34 2.36 -11.95
N ASP B 33 -16.51 1.45 -12.88
CA ASP B 33 -17.81 0.83 -13.13
C ASP B 33 -17.86 -0.54 -12.46
N MET B 34 -16.84 -0.83 -11.69
CA MET B 34 -16.73 -2.10 -10.99
C MET B 34 -17.32 -1.97 -9.58
N ALA B 35 -18.19 -2.91 -9.23
CA ALA B 35 -18.81 -2.91 -7.91
C ALA B 35 -17.76 -3.13 -6.84
N LEU B 36 -17.88 -2.41 -5.73
CA LEU B 36 -16.93 -2.55 -4.64
C LEU B 36 -17.04 -3.93 -4.00
N THR B 37 -18.23 -4.50 -4.08
CA THR B 37 -18.49 -5.81 -3.53
C THR B 37 -17.76 -6.90 -4.31
N ASP B 38 -17.61 -6.67 -5.62
CA ASP B 38 -16.91 -7.63 -6.47
C ASP B 38 -15.45 -7.68 -6.07
N LEU B 39 -14.90 -6.53 -5.72
CA LEU B 39 -13.52 -6.44 -5.26
C LEU B 39 -13.36 -7.21 -3.96
N ILE B 40 -14.32 -7.01 -3.06
CA ILE B 40 -14.31 -7.69 -1.77
C ILE B 40 -14.36 -9.20 -1.98
N ALA B 41 -15.15 -9.62 -2.97
CA ALA B 41 -15.27 -11.04 -3.30
C ALA B 41 -13.93 -11.62 -3.69
N LEU B 42 -13.25 -10.97 -4.63
CA LEU B 42 -11.94 -11.43 -5.08
C LEU B 42 -10.93 -11.35 -3.94
N LEU B 43 -11.08 -10.33 -3.11
CA LEU B 43 -10.20 -10.12 -1.98
C LEU B 43 -10.36 -11.24 -0.95
N GLN B 44 -11.60 -11.68 -0.75
CA GLN B 44 -11.89 -12.74 0.20
C GLN B 44 -11.42 -14.09 -0.32
N ALA B 45 -11.27 -14.18 -1.64
CA ALA B 45 -10.84 -15.41 -2.28
C ALA B 45 -9.31 -15.48 -2.43
N ASP B 46 -8.73 -14.53 -3.12
CA ASP B 46 -7.29 -14.50 -3.36
C ASP B 46 -6.51 -14.19 -2.08
N CYS B 47 -6.73 -13.01 -1.53
CA CYS B 47 -6.04 -12.59 -0.32
C CYS B 47 -6.53 -13.37 0.90
N GLY B 48 -7.81 -13.66 0.92
CA GLY B 48 -8.39 -14.37 2.03
C GLY B 48 -9.00 -13.43 3.04
N PHE B 49 -9.51 -12.32 2.56
CA PHE B 49 -10.13 -11.32 3.40
C PHE B 49 -11.48 -11.81 3.93
N ASP B 50 -11.99 -11.13 4.94
CA ASP B 50 -13.26 -11.47 5.56
C ASP B 50 -13.73 -10.29 6.41
N LYS B 51 -15.03 -10.12 6.55
CA LYS B 51 -15.56 -8.99 7.32
C LYS B 51 -16.00 -9.42 8.71
N THR B 52 -15.87 -10.69 9.03
CA THR B 52 -16.27 -11.19 10.33
C THR B 52 -15.19 -10.98 11.39
N LYS B 53 -13.93 -11.21 11.04
CA LYS B 53 -12.83 -11.07 11.99
C LYS B 53 -11.61 -10.39 11.37
N HIS B 54 -11.83 -9.53 10.39
CA HIS B 54 -10.74 -8.82 9.75
C HIS B 54 -11.10 -7.35 9.60
N ASP B 55 -10.09 -6.52 9.34
CA ASP B 55 -10.29 -5.09 9.18
C ASP B 55 -9.72 -4.64 7.85
N LEU B 56 -10.50 -3.86 7.13
CA LEU B 56 -10.09 -3.35 5.83
C LEU B 56 -9.64 -1.89 5.95
N TYR B 57 -8.35 -1.67 5.80
CA TYR B 57 -7.79 -0.33 5.89
C TYR B 57 -7.64 0.30 4.52
N TYR B 58 -8.07 1.54 4.42
CA TYR B 58 -7.99 2.31 3.20
C TYR B 58 -7.31 3.65 3.49
N ASN B 59 -6.09 3.81 2.98
CA ASN B 59 -5.28 5.03 3.19
C ASN B 59 -4.93 5.21 4.67
N MET B 60 -5.89 5.70 5.44
CA MET B 60 -5.70 5.89 6.87
C MET B 60 -7.02 5.72 7.60
N ASP B 61 -8.00 5.17 6.90
CA ASP B 61 -9.33 4.95 7.46
C ASP B 61 -9.72 3.49 7.30
N ILE B 62 -10.94 3.15 7.69
CA ILE B 62 -11.43 1.78 7.61
C ILE B 62 -12.72 1.71 6.78
N LEU B 63 -12.87 0.64 6.01
CA LEU B 63 -14.05 0.44 5.18
C LEU B 63 -15.19 -0.09 6.03
N ASP B 64 -15.85 0.81 6.75
CA ASP B 64 -16.96 0.44 7.61
C ASP B 64 -18.20 0.13 6.77
N SER B 65 -19.13 -0.62 7.36
CA SER B 65 -20.36 -1.00 6.70
C SER B 65 -21.22 0.22 6.37
N ASN B 66 -21.06 1.30 7.13
CA ASN B 66 -21.81 2.52 6.89
C ASN B 66 -21.39 3.15 5.56
N ARG B 67 -20.19 2.79 5.10
CA ARG B 67 -19.68 3.29 3.84
C ARG B 67 -20.17 2.41 2.70
N THR B 68 -21.34 2.73 2.18
CA THR B 68 -21.92 1.94 1.10
C THR B 68 -21.61 2.59 -0.25
N GLN B 69 -20.52 3.35 -0.29
CA GLN B 69 -20.11 4.03 -1.51
C GLN B 69 -19.32 3.08 -2.41
N SER B 70 -19.42 3.30 -3.71
CA SER B 70 -18.73 2.46 -4.68
C SER B 70 -17.26 2.88 -4.82
N LEU B 71 -16.50 2.11 -5.59
CA LEU B 71 -15.06 2.38 -5.80
C LEU B 71 -14.79 3.81 -6.27
N LYS B 72 -15.54 4.28 -7.27
CA LYS B 72 -15.33 5.62 -7.81
C LYS B 72 -15.77 6.71 -6.83
N GLU B 73 -16.54 6.32 -5.82
CA GLU B 73 -17.00 7.26 -4.82
C GLU B 73 -16.06 7.28 -3.63
N LEU B 74 -15.14 6.33 -3.60
CA LEU B 74 -14.15 6.23 -2.53
C LEU B 74 -12.88 7.01 -2.88
N GLY B 75 -12.84 7.53 -4.10
CA GLY B 75 -11.70 8.31 -4.54
C GLY B 75 -10.52 7.47 -5.00
N LEU B 76 -10.80 6.28 -5.53
CA LEU B 76 -9.72 5.42 -6.02
C LEU B 76 -9.31 5.87 -7.41
N LYS B 77 -8.09 5.51 -7.83
CA LYS B 77 -7.59 5.90 -9.15
C LYS B 77 -6.41 5.02 -9.57
N THR B 78 -5.19 5.47 -9.31
CA THR B 78 -4.00 4.71 -9.69
C THR B 78 -2.92 4.75 -8.60
N ASP B 79 -3.26 5.31 -7.46
CA ASP B 79 -2.31 5.40 -6.34
C ASP B 79 -2.94 4.88 -5.07
N ASP B 80 -4.12 4.28 -5.22
CA ASP B 80 -4.87 3.74 -4.10
C ASP B 80 -4.17 2.51 -3.53
N LEU B 81 -4.56 2.14 -2.33
CA LEU B 81 -3.98 1.00 -1.66
C LEU B 81 -4.97 0.42 -0.64
N LEU B 82 -4.89 -0.88 -0.44
CA LEU B 82 -5.76 -1.56 0.50
C LEU B 82 -4.92 -2.41 1.45
N LEU B 83 -5.18 -2.27 2.74
CA LEU B 83 -4.42 -3.00 3.75
C LEU B 83 -5.30 -4.00 4.48
N ILE B 84 -4.83 -5.24 4.57
CA ILE B 84 -5.56 -6.29 5.25
C ILE B 84 -5.06 -6.43 6.68
N ARG B 85 -5.92 -6.08 7.63
CA ARG B 85 -5.59 -6.15 9.04
C ARG B 85 -6.69 -6.88 9.80
N GLY B 86 -6.68 -6.77 11.12
CA GLY B 86 -7.70 -7.43 11.91
C GLY B 86 -7.18 -8.62 12.67
N LYS B 87 -7.96 -9.71 12.64
CA LYS B 87 -7.60 -10.96 13.32
C LYS B 87 -7.62 -10.79 14.83
N ILE B 88 -6.46 -10.96 15.47
CA ILE B 88 -6.36 -10.85 16.92
C ILE B 88 -5.36 -9.78 17.33
N SER B 89 -4.12 -9.94 16.88
CA SER B 89 -3.06 -9.00 17.20
C SER B 89 -3.03 -7.83 16.23
N ASN B 90 -3.95 -6.88 16.41
CA ASN B 90 -4.03 -5.70 15.56
C ASN B 90 -5.09 -4.72 16.06
N SER B 91 -6.35 -5.14 15.96
CA SER B 91 -7.46 -4.29 16.38
C SER B 91 -7.84 -4.58 17.83
N MET A 1 14.01 16.70 -7.23
CA MET A 1 12.55 16.59 -7.46
C MET A 1 11.86 16.09 -6.19
N GLN A 2 10.53 16.16 -6.15
CA GLN A 2 9.78 15.71 -5.00
C GLN A 2 8.89 14.53 -5.36
N ILE A 3 8.85 13.54 -4.50
CA ILE A 3 8.01 12.35 -4.72
C ILE A 3 7.08 12.16 -3.53
N PHE A 4 5.99 11.43 -3.74
CA PHE A 4 5.03 11.18 -2.68
C PHE A 4 4.94 9.70 -2.37
N VAL A 5 5.35 9.33 -1.16
CA VAL A 5 5.31 7.95 -0.73
C VAL A 5 4.15 7.75 0.24
N LYS A 6 3.23 6.88 -0.13
CA LYS A 6 2.08 6.60 0.72
C LYS A 6 2.27 5.29 1.45
N THR A 7 2.18 5.34 2.76
CA THR A 7 2.34 4.16 3.59
C THR A 7 1.01 3.43 3.75
N LEU A 8 1.06 2.25 4.36
CA LEU A 8 -0.13 1.45 4.59
C LEU A 8 -1.04 2.12 5.60
N THR A 9 -0.49 3.08 6.33
CA THR A 9 -1.24 3.80 7.34
C THR A 9 -2.04 4.95 6.72
N GLY A 10 -1.93 5.10 5.40
CA GLY A 10 -2.64 6.15 4.71
C GLY A 10 -1.92 7.48 4.74
N LYS A 11 -0.69 7.46 5.24
CA LYS A 11 0.12 8.67 5.34
C LYS A 11 0.91 8.88 4.06
N ILE A 13 4.02 10.85 2.72
CA ILE A 13 5.21 11.61 3.06
C ILE A 13 5.88 12.14 1.79
N THR A 14 6.38 13.37 1.86
CA THR A 14 7.07 13.98 0.74
C THR A 14 8.57 13.83 0.92
N LEU A 15 9.26 13.45 -0.15
CA LEU A 15 10.70 13.25 -0.10
C LEU A 15 11.41 13.95 -1.25
N GLU A 16 12.48 14.65 -0.91
CA GLU A 16 13.29 15.33 -1.90
C GLU A 16 14.33 14.35 -2.44
N VAL A 17 14.14 13.92 -3.68
CA VAL A 17 15.05 12.98 -4.30
C VAL A 17 15.41 13.43 -5.70
N GLU A 18 16.29 12.70 -6.34
CA GLU A 18 16.72 13.01 -7.69
C GLU A 18 16.81 11.72 -8.50
N PRO A 19 16.78 11.80 -9.83
CA PRO A 19 16.86 10.62 -10.71
C PRO A 19 18.03 9.69 -10.39
N SER A 20 19.15 10.27 -9.96
CA SER A 20 20.34 9.51 -9.63
C SER A 20 20.26 8.85 -8.26
N ASP A 21 19.23 9.22 -7.48
CA ASP A 21 19.04 8.67 -6.15
C ASP A 21 18.73 7.18 -6.23
N THR A 22 19.48 6.38 -5.50
CA THR A 22 19.27 4.95 -5.49
C THR A 22 18.08 4.61 -4.59
N ILE A 23 17.41 3.50 -4.88
CA ILE A 23 16.27 3.08 -4.09
C ILE A 23 16.65 2.93 -2.62
N GLU A 24 17.85 2.42 -2.38
CA GLU A 24 18.35 2.24 -1.02
C GLU A 24 18.51 3.59 -0.34
N ASN A 25 18.95 4.59 -1.10
CA ASN A 25 19.14 5.93 -0.56
C ASN A 25 17.81 6.52 -0.14
N VAL A 26 16.77 6.24 -0.93
CA VAL A 26 15.43 6.71 -0.64
C VAL A 26 14.95 6.08 0.67
N LYS A 27 15.22 4.78 0.81
CA LYS A 27 14.84 4.05 2.01
C LYS A 27 15.54 4.62 3.24
N ALA A 28 16.77 5.09 3.04
CA ALA A 28 17.55 5.67 4.12
C ALA A 28 16.94 7.00 4.54
N LYS A 29 16.31 7.68 3.58
CA LYS A 29 15.66 8.96 3.85
C LYS A 29 14.34 8.73 4.60
N ILE A 30 13.63 7.68 4.19
CA ILE A 30 12.36 7.32 4.83
C ILE A 30 12.61 6.84 6.26
N GLN A 31 13.70 6.08 6.41
CA GLN A 31 14.10 5.54 7.71
C GLN A 31 14.38 6.67 8.71
N ASP A 32 14.72 7.83 8.20
CA ASP A 32 15.02 8.98 9.06
C ASP A 32 13.75 9.64 9.57
N LYS A 33 12.80 9.86 8.69
CA LYS A 33 11.54 10.50 9.05
C LYS A 33 10.60 9.55 9.80
N GLU A 34 10.39 8.36 9.25
CA GLU A 34 9.48 7.40 9.86
C GLU A 34 10.15 6.54 10.93
N GLY A 35 11.42 6.22 10.72
CA GLY A 35 12.15 5.40 11.69
C GLY A 35 12.02 3.92 11.40
N ILE A 36 11.54 3.59 10.21
CA ILE A 36 11.38 2.20 9.80
C ILE A 36 12.65 1.69 9.12
N PRO A 37 13.19 0.54 9.58
CA PRO A 37 14.40 -0.04 9.00
C PRO A 37 14.28 -0.26 7.49
N PRO A 38 15.31 0.15 6.72
CA PRO A 38 15.31 0.01 5.26
C PRO A 38 15.14 -1.43 4.78
N ASP A 39 15.55 -2.38 5.63
CA ASP A 39 15.45 -3.80 5.28
C ASP A 39 14.04 -4.33 5.47
N GLN A 40 13.15 -3.49 6.00
CA GLN A 40 11.76 -3.88 6.20
C GLN A 40 10.85 -3.04 5.31
N GLN A 41 11.47 -2.30 4.39
CA GLN A 41 10.74 -1.43 3.49
C GLN A 41 10.61 -2.04 2.10
N ARG A 42 9.38 -2.28 1.69
CA ARG A 42 9.09 -2.83 0.37
C ARG A 42 8.41 -1.77 -0.48
N LEU A 43 9.20 -1.07 -1.28
CA LEU A 43 8.68 -0.01 -2.14
C LEU A 43 8.14 -0.57 -3.45
N ILE A 44 6.91 -0.17 -3.76
CA ILE A 44 6.25 -0.60 -4.98
C ILE A 44 5.82 0.62 -5.79
N PHE A 45 6.17 0.61 -7.06
CA PHE A 45 5.82 1.70 -7.96
C PHE A 45 5.05 1.17 -9.15
N ALA A 46 3.78 1.55 -9.23
CA ALA A 46 2.90 1.13 -10.32
C ALA A 46 2.82 -0.39 -10.41
N GLY A 47 2.69 -1.02 -9.25
CA GLY A 47 2.58 -2.47 -9.19
C GLY A 47 3.90 -3.20 -9.39
N LYS A 48 5.00 -2.47 -9.49
CA LYS A 48 6.31 -3.09 -9.68
C LYS A 48 7.21 -2.83 -8.48
N GLN A 49 7.95 -3.85 -8.08
CA GLN A 49 8.86 -3.74 -6.95
C GLN A 49 10.18 -3.12 -7.39
N LEU A 50 10.74 -2.26 -6.55
CA LEU A 50 12.00 -1.60 -6.86
C LEU A 50 13.16 -2.29 -6.16
N GLU A 51 14.24 -2.54 -6.89
CA GLU A 51 15.41 -3.20 -6.34
C GLU A 51 16.28 -2.21 -5.56
N ASP A 52 16.99 -2.72 -4.57
CA ASP A 52 17.86 -1.89 -3.72
C ASP A 52 18.96 -1.20 -4.53
N GLY A 53 19.59 -1.93 -5.44
CA GLY A 53 20.67 -1.36 -6.22
C GLY A 53 20.22 -0.75 -7.54
N ARG A 54 19.15 0.02 -7.51
CA ARG A 54 18.65 0.67 -8.72
C ARG A 54 18.42 2.14 -8.47
N THR A 55 18.34 2.92 -9.54
CA THR A 55 18.12 4.35 -9.43
C THR A 55 16.68 4.70 -9.79
N LEU A 56 16.26 5.92 -9.44
CA LEU A 56 14.91 6.38 -9.74
C LEU A 56 14.72 6.51 -11.25
N SER A 57 15.79 6.84 -11.95
CA SER A 57 15.76 6.98 -13.40
C SER A 57 15.51 5.65 -14.08
N ASP A 58 15.93 4.57 -13.42
CA ASP A 58 15.76 3.22 -13.97
C ASP A 58 14.30 2.90 -14.20
N TYR A 59 13.47 3.21 -13.22
CA TYR A 59 12.05 2.94 -13.29
C TYR A 59 11.30 4.13 -13.87
N ASN A 60 12.06 5.11 -14.37
CA ASN A 60 11.51 6.32 -14.96
C ASN A 60 10.67 7.10 -13.96
N ILE A 61 11.09 7.10 -12.71
CA ILE A 61 10.36 7.81 -11.67
C ILE A 61 10.55 9.31 -11.84
N GLN A 62 9.45 10.00 -12.10
CA GLN A 62 9.47 11.44 -12.30
C GLN A 62 8.99 12.16 -11.05
N LYS A 63 8.76 13.46 -11.17
CA LYS A 63 8.30 14.25 -10.04
C LYS A 63 6.83 13.99 -9.76
N GLU A 64 6.44 14.14 -8.50
CA GLU A 64 5.06 13.95 -8.05
C GLU A 64 4.59 12.50 -8.25
N SER A 65 5.53 11.57 -8.32
CA SER A 65 5.19 10.18 -8.49
C SER A 65 4.69 9.59 -7.16
N THR A 66 3.67 8.76 -7.23
CA THR A 66 3.10 8.14 -6.04
C THR A 66 3.67 6.74 -5.85
N LEU A 67 4.38 6.53 -4.74
CA LEU A 67 4.99 5.24 -4.45
C LEU A 67 4.25 4.56 -3.31
N HIS A 68 4.21 3.24 -3.34
CA HIS A 68 3.55 2.45 -2.31
C HIS A 68 4.58 1.82 -1.38
N LEU A 69 4.54 2.17 -0.10
CA LEU A 69 5.49 1.61 0.86
C LEU A 69 4.80 0.54 1.71
N VAL A 70 5.17 -0.71 1.46
CA VAL A 70 4.61 -1.83 2.20
C VAL A 70 5.62 -2.39 3.18
N LEU A 71 5.13 -2.90 4.31
CA LEU A 71 6.01 -3.47 5.32
C LEU A 71 6.06 -4.98 5.17
N ARG A 72 6.85 -5.64 6.01
CA ARG A 72 6.97 -7.08 5.99
C ARG A 72 7.58 -7.56 7.29
N LEU A 73 6.75 -8.13 8.15
CA LEU A 73 7.21 -8.64 9.43
C LEU A 73 8.25 -9.72 9.23
N ARG A 74 9.42 -9.52 9.82
CA ARG A 74 10.51 -10.48 9.71
C ARG A 74 10.88 -11.02 11.10
N GLY A 75 10.02 -10.73 12.06
CA GLY A 75 10.24 -11.19 13.41
C GLY A 75 9.28 -12.30 13.79
N GLY A 76 9.20 -13.29 12.93
CA GLY A 76 8.32 -14.41 13.16
C GLY A 76 8.84 -15.67 12.53
N ASP B 13 -3.48 0.14 -9.11
CA ASP B 13 -2.43 -0.23 -8.13
C ASP B 13 -3.04 -0.37 -6.73
N LEU B 14 -4.13 -1.12 -6.64
CA LEU B 14 -4.78 -1.33 -5.35
C LEU B 14 -4.00 -2.38 -4.57
N THR B 15 -3.28 -1.94 -3.55
CA THR B 15 -2.47 -2.83 -2.75
C THR B 15 -3.18 -3.20 -1.44
N ILE B 16 -3.28 -4.49 -1.18
CA ILE B 16 -3.89 -4.99 0.05
C ILE B 16 -2.82 -5.68 0.88
N SER B 17 -2.74 -5.32 2.15
CA SER B 17 -1.74 -5.90 3.03
C SER B 17 -2.37 -6.67 4.18
N ASN B 18 -1.96 -7.92 4.34
CA ASN B 18 -2.46 -8.77 5.40
C ASN B 18 -1.39 -8.86 6.49
N GLU B 19 -1.28 -7.79 7.28
CA GLU B 19 -0.29 -7.70 8.34
C GLU B 19 -0.51 -8.72 9.45
N LEU B 20 -1.61 -9.46 9.38
CA LEU B 20 -1.91 -10.47 10.39
C LEU B 20 -1.14 -11.76 10.12
N THR B 21 -0.77 -11.97 8.86
CA THR B 21 -0.04 -13.17 8.48
C THR B 21 1.24 -12.83 7.72
N GLY B 22 1.34 -11.58 7.26
CA GLY B 22 2.51 -11.16 6.51
C GLY B 22 2.34 -11.42 5.04
N GLU B 23 1.09 -11.62 4.64
CA GLU B 23 0.75 -11.90 3.26
C GLU B 23 0.61 -10.61 2.46
N ILE B 24 1.62 -10.32 1.66
CA ILE B 24 1.60 -9.12 0.83
C ILE B 24 1.12 -9.48 -0.57
N TYR B 25 -0.03 -8.97 -0.93
CA TYR B 25 -0.62 -9.26 -2.24
C TYR B 25 -0.11 -8.26 -3.28
N GLY B 26 -0.52 -8.46 -4.53
CA GLY B 26 -0.11 -7.57 -5.59
C GLY B 26 -1.10 -6.45 -5.82
N PRO B 27 -0.95 -5.72 -6.91
CA PRO B 27 -1.82 -4.60 -7.25
C PRO B 27 -3.05 -5.03 -8.06
N ILE B 28 -4.23 -4.77 -7.54
CA ILE B 28 -5.46 -5.10 -8.23
C ILE B 28 -5.95 -3.91 -9.05
N GLU B 29 -6.43 -4.17 -10.25
CA GLU B 29 -6.92 -3.12 -11.12
C GLU B 29 -8.45 -3.08 -11.05
N VAL B 30 -8.97 -2.33 -10.09
CA VAL B 30 -10.41 -2.20 -9.92
C VAL B 30 -10.96 -1.12 -10.84
N SER B 31 -12.24 -0.81 -10.68
CA SER B 31 -12.88 0.20 -11.49
C SER B 31 -14.01 0.87 -10.72
N GLU B 32 -14.38 2.07 -11.14
CA GLU B 32 -15.46 2.80 -10.50
C GLU B 32 -16.80 2.15 -10.84
N ASP B 33 -16.80 1.33 -11.88
CA ASP B 33 -18.00 0.63 -12.31
C ASP B 33 -18.11 -0.71 -11.61
N MET B 34 -17.05 -1.08 -10.91
CA MET B 34 -16.99 -2.35 -10.20
C MET B 34 -17.71 -2.23 -8.85
N ALA B 35 -18.56 -3.20 -8.56
CA ALA B 35 -19.30 -3.22 -7.31
C ALA B 35 -18.36 -3.47 -6.13
N LEU B 36 -18.60 -2.77 -5.03
CA LEU B 36 -17.76 -2.91 -3.84
C LEU B 36 -17.90 -4.32 -3.27
N THR B 37 -19.10 -4.88 -3.34
CA THR B 37 -19.37 -6.21 -2.83
C THR B 37 -18.56 -7.26 -3.60
N ASP B 38 -18.30 -6.98 -4.87
CA ASP B 38 -17.52 -7.88 -5.72
C ASP B 38 -16.08 -7.89 -5.22
N LEU B 39 -15.59 -6.69 -4.88
CA LEU B 39 -14.24 -6.53 -4.37
C LEU B 39 -14.12 -7.28 -3.04
N ILE B 40 -15.14 -7.13 -2.20
CA ILE B 40 -15.17 -7.80 -0.90
C ILE B 40 -15.18 -9.30 -1.11
N ALA B 41 -15.91 -9.76 -2.12
CA ALA B 41 -16.00 -11.18 -2.44
C ALA B 41 -14.63 -11.73 -2.76
N LEU B 42 -13.90 -11.03 -3.61
CA LEU B 42 -12.56 -11.44 -4.01
C LEU B 42 -11.64 -11.45 -2.79
N LEU B 43 -11.82 -10.46 -1.93
CA LEU B 43 -11.02 -10.35 -0.71
C LEU B 43 -11.32 -11.50 0.24
N GLN B 44 -12.59 -11.90 0.31
CA GLN B 44 -12.98 -13.00 1.18
C GLN B 44 -12.48 -14.34 0.64
N ALA B 45 -12.32 -14.40 -0.68
CA ALA B 45 -11.86 -15.63 -1.34
C ALA B 45 -10.33 -15.75 -1.35
N ASP B 46 -9.66 -14.73 -1.88
CA ASP B 46 -8.20 -14.74 -2.00
C ASP B 46 -7.52 -14.35 -0.69
N CYS B 47 -7.77 -13.12 -0.26
CA CYS B 47 -7.16 -12.59 0.95
C CYS B 47 -7.61 -13.37 2.20
N GLY B 48 -8.83 -13.87 2.18
CA GLY B 48 -9.36 -14.62 3.31
C GLY B 48 -10.09 -13.71 4.26
N PHE B 49 -10.68 -12.65 3.71
CA PHE B 49 -11.44 -11.69 4.48
C PHE B 49 -12.80 -12.26 4.87
N ASP B 50 -13.40 -11.66 5.88
CA ASP B 50 -14.72 -12.08 6.36
C ASP B 50 -15.34 -10.89 7.08
N LYS B 51 -16.66 -10.74 7.01
CA LYS B 51 -17.31 -9.60 7.65
C LYS B 51 -17.73 -9.88 9.09
N THR B 52 -17.54 -11.10 9.55
CA THR B 52 -17.93 -11.44 10.92
C THR B 52 -16.72 -11.71 11.81
N LYS B 53 -15.56 -11.95 11.22
CA LYS B 53 -14.36 -12.21 12.00
C LYS B 53 -13.14 -11.47 11.45
N HIS B 54 -13.38 -10.41 10.69
CA HIS B 54 -12.29 -9.64 10.12
C HIS B 54 -12.72 -8.19 9.94
N ASP B 55 -11.80 -7.28 10.21
CA ASP B 55 -12.07 -5.86 10.08
C ASP B 55 -11.37 -5.31 8.84
N LEU B 56 -12.06 -4.47 8.09
CA LEU B 56 -11.50 -3.89 6.90
C LEU B 56 -11.20 -2.41 7.12
N TYR B 57 -9.94 -2.06 6.96
CA TYR B 57 -9.51 -0.68 7.15
C TYR B 57 -9.23 -0.04 5.80
N TYR B 58 -9.90 1.07 5.53
CA TYR B 58 -9.75 1.79 4.28
C TYR B 58 -8.98 3.07 4.49
N ASN B 59 -7.74 3.08 4.00
CA ASN B 59 -6.83 4.23 4.11
C ASN B 59 -6.46 4.53 5.55
N MET B 60 -7.31 5.29 6.24
CA MET B 60 -7.06 5.65 7.63
C MET B 60 -8.30 5.41 8.48
N ASP B 61 -9.38 4.97 7.86
CA ASP B 61 -10.62 4.73 8.58
C ASP B 61 -11.04 3.26 8.48
N ILE B 62 -12.22 2.96 9.01
CA ILE B 62 -12.75 1.59 9.01
C ILE B 62 -13.98 1.49 8.12
N LEU B 63 -14.22 0.30 7.58
CA LEU B 63 -15.38 0.06 6.73
C LEU B 63 -16.61 -0.25 7.59
N ASP B 64 -17.32 0.79 7.98
CA ASP B 64 -18.52 0.63 8.80
C ASP B 64 -19.69 0.16 7.94
N SER B 65 -20.72 -0.40 8.58
CA SER B 65 -21.89 -0.88 7.87
C SER B 65 -22.63 0.25 7.17
N ASN B 66 -22.44 1.47 7.66
CA ASN B 66 -23.08 2.64 7.08
C ASN B 66 -22.35 3.06 5.81
N ARG B 67 -21.18 2.46 5.57
CA ARG B 67 -20.40 2.75 4.38
C ARG B 67 -20.82 1.83 3.24
N THR B 68 -22.04 2.03 2.76
CA THR B 68 -22.55 1.21 1.65
C THR B 68 -22.14 1.84 0.31
N GLN B 69 -21.26 2.84 0.40
CA GLN B 69 -20.77 3.54 -0.77
C GLN B 69 -19.86 2.63 -1.58
N SER B 70 -20.00 2.66 -2.89
CA SER B 70 -19.19 1.83 -3.77
C SER B 70 -17.79 2.41 -3.89
N LEU B 71 -16.91 1.73 -4.61
CA LEU B 71 -15.52 2.17 -4.79
C LEU B 71 -15.44 3.59 -5.36
N LYS B 72 -16.34 3.92 -6.29
CA LYS B 72 -16.35 5.23 -6.92
C LYS B 72 -16.84 6.33 -5.96
N GLU B 73 -17.61 5.93 -4.95
CA GLU B 73 -18.13 6.87 -3.98
C GLU B 73 -17.14 7.05 -2.83
N LEU B 74 -16.53 5.94 -2.42
CA LEU B 74 -15.56 5.96 -1.32
C LEU B 74 -14.34 6.78 -1.71
N GLY B 75 -13.90 6.61 -2.96
CA GLY B 75 -12.75 7.35 -3.43
C GLY B 75 -11.57 6.48 -3.74
N LEU B 76 -11.82 5.25 -4.18
CA LEU B 76 -10.74 4.34 -4.52
C LEU B 76 -10.26 4.60 -5.94
N LYS B 77 -9.03 5.05 -6.06
CA LYS B 77 -8.47 5.37 -7.37
C LYS B 77 -7.26 4.51 -7.69
N THR B 78 -6.11 4.85 -7.11
CA THR B 78 -4.88 4.11 -7.38
C THR B 78 -3.92 4.13 -6.20
N ASP B 79 -3.83 5.27 -5.53
CA ASP B 79 -2.94 5.43 -4.38
C ASP B 79 -3.56 4.85 -3.11
N ASP B 80 -4.74 4.25 -3.26
CA ASP B 80 -5.45 3.67 -2.14
C ASP B 80 -4.89 2.31 -1.75
N LEU B 81 -5.20 1.89 -0.53
CA LEU B 81 -4.77 0.61 0.00
C LEU B 81 -5.81 0.05 0.95
N LEU B 82 -5.77 -1.25 1.17
CA LEU B 82 -6.74 -1.90 2.06
C LEU B 82 -5.99 -2.77 3.06
N LEU B 83 -6.30 -2.59 4.34
CA LEU B 83 -5.65 -3.35 5.39
C LEU B 83 -6.61 -4.35 6.00
N ILE B 84 -6.12 -5.55 6.27
CA ILE B 84 -6.93 -6.61 6.86
C ILE B 84 -6.55 -6.82 8.31
N ARG B 85 -7.51 -6.59 9.20
CA ARG B 85 -7.30 -6.78 10.64
C ARG B 85 -8.48 -7.52 11.25
N GLY B 86 -8.63 -7.43 12.57
CA GLY B 86 -9.74 -8.09 13.23
C GLY B 86 -9.34 -9.40 13.87
N LYS B 87 -10.21 -10.40 13.70
CA LYS B 87 -10.01 -11.75 14.24
C LYS B 87 -10.20 -11.76 15.76
N ILE B 88 -9.09 -11.82 16.51
CA ILE B 88 -9.17 -11.87 17.96
C ILE B 88 -8.29 -10.79 18.59
N SER B 89 -7.00 -10.89 18.34
CA SER B 89 -6.04 -9.94 18.88
C SER B 89 -5.96 -8.65 18.07
N ASN B 90 -7.03 -7.86 18.13
CA ASN B 90 -7.09 -6.59 17.41
C ASN B 90 -8.30 -5.77 17.84
N SER B 91 -9.47 -6.22 17.42
CA SER B 91 -10.72 -5.53 17.72
C SER B 91 -11.17 -5.84 19.14
#